data_9U7V
#
_entry.id   9U7V
#
_cell.length_a   154.570
_cell.length_b   154.570
_cell.length_c   115.174
_cell.angle_alpha   90.00
_cell.angle_beta   90.00
_cell.angle_gamma   90.00
#
_symmetry.space_group_name_H-M   'P 4 21 2'
#
loop_
_entity.id
_entity.type
_entity.pdbx_description
1 polymer oligo-1,6-glucosidase
2 water water
#
_entity_poly.entity_id   1
_entity_poly.type   'polypeptide(L)'
_entity_poly.pdbx_seq_one_letter_code
;MLLFPFESRSRSIPTGGWQMKRAWWKESVVYQIYPRSFQDSNGDGIGDIPGIVSRLDYLQELGVDVVWLCPVYDSPNDDN
GYDIRDYRRIMDEFGTLEDWERLLEDLHARGMKLIMDLVVNHSSDEHAWFSESRKSRDGEHRDYYIWRDGKGGAEPNNWS
SFFSGSAWKYDGETDQYYLHLFSSKQPDLNWENGKVRREVYNMMAWWLDKGIDGFRMDVINLISKVPGLPDAPGEGRYRS
GADYFMNGPRVHEYLQEMNREVLSRYDIMTVGETPGVTPEQAALYVGEDRGELNMVFQFEHMDIDSGPGGKWDVQPWRLT
DFKRVMGKWQRELQDRGWNSLYLNNHDQPRMVSRFGDDKNFRKQSAKMLGTLLHTLQGTPYIYQGEELGMTNVRFGSIED
YRDIETLNMYKEATGAGRPAEAVMASVYSKGRDNARTPMQWDGSAHGGFTTGTPWIASNPNYTEINAEDARRDPDSIFHY
YRRLIALRKQHDVIVYGRYEALLEEDERIYAYTRMLDGERLLVVLNFFGEEADCSLPEKIRFESAEPLIGNYGNGADRDW
RSLKLRPYEALVLRLQG
;
_entity_poly.pdbx_strand_id   A,B
#
# COMPACT_ATOMS: atom_id res chain seq x y z
N MET A 20 5.36 6.30 26.48
CA MET A 20 4.96 4.87 26.31
C MET A 20 6.16 3.98 26.68
N LYS A 21 7.04 3.71 25.71
CA LYS A 21 8.25 2.94 25.95
C LYS A 21 9.45 3.89 25.96
N ARG A 22 10.56 3.45 26.56
CA ARG A 22 11.78 4.25 26.63
C ARG A 22 12.81 3.72 25.64
N ALA A 23 13.63 4.63 25.13
CA ALA A 23 14.73 4.33 24.22
C ALA A 23 15.66 5.53 24.15
N TRP A 24 16.90 5.32 23.70
CA TRP A 24 17.90 6.39 23.66
C TRP A 24 17.55 7.45 22.63
N TRP A 25 17.27 7.01 21.39
CA TRP A 25 16.97 7.92 20.29
C TRP A 25 15.84 8.87 20.67
N LYS A 26 15.00 8.47 21.63
CA LYS A 26 13.94 9.33 22.13
C LYS A 26 14.53 10.50 22.93
N GLU A 27 15.43 10.19 23.88
CA GLU A 27 16.09 11.23 24.64
C GLU A 27 17.46 11.53 24.04
N SER A 28 17.50 11.70 22.72
CA SER A 28 18.72 12.02 22.00
C SER A 28 18.56 13.34 21.27
N VAL A 29 19.69 14.03 21.04
CA VAL A 29 19.73 15.22 20.21
C VAL A 29 20.67 14.95 19.03
N VAL A 30 20.16 15.12 17.81
CA VAL A 30 20.91 14.87 16.60
C VAL A 30 21.36 16.21 16.03
N TYR A 31 22.66 16.30 15.66
CA TYR A 31 23.21 17.47 15.01
C TYR A 31 23.54 17.12 13.56
N GLN A 32 22.87 17.82 12.64
CA GLN A 32 23.03 17.57 11.22
C GLN A 32 24.25 18.33 10.71
N ILE A 33 25.16 17.61 10.06
CA ILE A 33 26.36 18.21 9.48
C ILE A 33 26.29 18.05 7.96
N TYR A 34 26.27 19.19 7.27
CA TYR A 34 26.56 19.25 5.84
C TYR A 34 28.07 19.26 5.67
N PRO A 35 28.70 18.11 5.29
CA PRO A 35 30.16 18.03 5.21
C PRO A 35 30.78 19.18 4.41
N ARG A 36 30.30 19.35 3.17
CA ARG A 36 30.86 20.29 2.21
C ARG A 36 31.22 21.64 2.84
N SER A 37 30.37 22.15 3.74
CA SER A 37 30.63 23.46 4.34
C SER A 37 30.60 23.36 5.87
N PHE A 38 31.31 22.38 6.42
CA PHE A 38 31.47 22.27 7.86
C PHE A 38 32.87 22.75 8.23
N GLN A 39 33.88 21.91 7.94
CA GLN A 39 35.26 22.30 8.16
C GLN A 39 36.13 21.69 7.06
N ASP A 40 37.05 22.52 6.55
CA ASP A 40 37.93 22.15 5.45
C ASP A 40 39.32 21.93 6.03
N SER A 41 39.98 20.83 5.62
CA SER A 41 41.29 20.48 6.19
C SER A 41 42.37 20.39 5.11
N ASN A 42 42.04 20.69 3.85
CA ASN A 42 43.02 20.58 2.78
C ASN A 42 43.07 21.85 1.91
N GLY A 43 42.24 22.85 2.24
CA GLY A 43 42.29 24.15 1.58
C GLY A 43 41.58 24.15 0.22
N ASP A 44 40.89 23.05 -0.09
CA ASP A 44 40.18 22.91 -1.34
C ASP A 44 38.98 23.86 -1.38
N GLY A 45 38.40 24.12 -0.21
CA GLY A 45 37.15 24.87 -0.09
C GLY A 45 35.98 23.95 0.26
N ILE A 46 36.09 22.68 -0.14
CA ILE A 46 35.09 21.67 0.14
C ILE A 46 35.40 21.05 1.51
N GLY A 47 34.40 21.06 2.41
CA GLY A 47 34.56 20.56 3.76
C GLY A 47 34.89 19.06 3.76
N ASP A 48 35.75 18.64 4.69
CA ASP A 48 36.24 17.28 4.75
C ASP A 48 35.74 16.62 6.03
N ILE A 49 35.68 15.28 6.02
CA ILE A 49 35.43 14.50 7.21
C ILE A 49 36.50 14.81 8.26
N PRO A 50 37.81 14.68 7.93
CA PRO A 50 38.86 15.07 8.87
C PRO A 50 38.64 16.46 9.47
N GLY A 51 38.10 17.39 8.68
CA GLY A 51 37.71 18.70 9.17
C GLY A 51 36.66 18.61 10.27
N ILE A 52 35.73 17.65 10.12
CA ILE A 52 34.71 17.40 11.14
C ILE A 52 35.40 16.95 12.43
N VAL A 53 36.40 16.08 12.27
CA VAL A 53 37.14 15.53 13.39
C VAL A 53 37.80 16.66 14.15
N SER A 54 38.34 17.64 13.42
CA SER A 54 39.02 18.77 14.02
C SER A 54 38.08 19.55 14.93
N ARG A 55 36.81 19.66 14.55
CA ARG A 55 35.85 20.51 15.24
C ARG A 55 35.02 19.73 16.26
N LEU A 56 35.34 18.45 16.47
CA LEU A 56 34.48 17.54 17.21
C LEU A 56 34.27 18.04 18.64
N ASP A 57 35.27 18.72 19.21
CA ASP A 57 35.19 19.22 20.58
C ASP A 57 34.07 20.25 20.73
N TYR A 58 33.74 20.94 19.63
CA TYR A 58 32.66 21.92 19.62
C TYR A 58 31.36 21.24 20.02
N LEU A 59 31.07 20.11 19.35
CA LEU A 59 29.77 19.45 19.45
C LEU A 59 29.60 18.85 20.83
N GLN A 60 30.70 18.29 21.37
CA GLN A 60 30.70 17.62 22.65
C GLN A 60 30.51 18.63 23.77
N GLU A 61 30.97 19.87 23.55
CA GLU A 61 30.80 20.95 24.50
C GLU A 61 29.34 21.42 24.50
N LEU A 62 28.76 21.55 23.31
CA LEU A 62 27.35 21.89 23.14
C LEU A 62 26.48 20.86 23.84
N GLY A 63 26.81 19.58 23.65
CA GLY A 63 26.11 18.49 24.32
C GLY A 63 25.34 17.61 23.33
N VAL A 64 25.54 17.84 22.03
CA VAL A 64 24.99 16.98 20.99
C VAL A 64 25.28 15.52 21.34
N ASP A 65 24.29 14.65 21.13
CA ASP A 65 24.42 13.24 21.48
C ASP A 65 24.70 12.43 20.21
N VAL A 66 23.98 12.74 19.13
CA VAL A 66 24.09 12.01 17.87
C VAL A 66 24.47 12.97 16.76
N VAL A 67 25.27 12.50 15.80
CA VAL A 67 25.69 13.31 14.68
C VAL A 67 25.20 12.68 13.39
N TRP A 68 24.57 13.50 12.55
CA TRP A 68 24.04 13.09 11.26
C TRP A 68 24.79 13.85 10.15
N LEU A 69 25.78 13.18 9.55
CA LEU A 69 26.47 13.72 8.40
C LEU A 69 25.59 13.52 7.17
N CYS A 70 25.40 14.58 6.38
CA CYS A 70 24.75 14.44 5.08
C CYS A 70 25.59 13.50 4.22
N PRO A 71 25.12 13.06 3.03
CA PRO A 71 25.78 12.01 2.27
C PRO A 71 27.28 12.24 2.05
N VAL A 72 28.08 11.24 2.41
CA VAL A 72 29.53 11.34 2.32
C VAL A 72 30.04 10.17 1.49
N TYR A 73 29.36 9.90 0.36
CA TYR A 73 29.66 8.76 -0.49
C TYR A 73 30.12 9.25 -1.86
N ASP A 74 30.58 8.32 -2.70
CA ASP A 74 31.13 8.64 -4.01
C ASP A 74 30.01 9.16 -4.92
N SER A 75 30.15 10.43 -5.36
CA SER A 75 29.13 11.09 -6.18
C SER A 75 29.76 11.96 -7.27
N PRO A 76 29.11 12.12 -8.44
CA PRO A 76 29.48 13.11 -9.44
C PRO A 76 29.25 14.56 -9.01
N ASN A 77 28.50 14.75 -7.91
CA ASN A 77 28.33 16.03 -7.25
C ASN A 77 27.41 16.96 -8.04
N ASP A 78 26.46 16.37 -8.78
CA ASP A 78 25.40 17.13 -9.43
C ASP A 78 24.42 17.65 -8.37
N ASP A 79 24.14 16.83 -7.35
CA ASP A 79 23.23 17.21 -6.28
C ASP A 79 23.89 17.04 -4.91
N ASN A 80 25.20 17.32 -4.84
CA ASN A 80 25.93 17.33 -3.58
C ASN A 80 25.79 15.99 -2.85
N GLY A 81 26.01 14.88 -3.57
CA GLY A 81 26.21 13.58 -2.94
C GLY A 81 25.00 12.65 -3.03
N TYR A 82 23.83 13.18 -3.43
CA TYR A 82 22.60 12.40 -3.41
C TYR A 82 22.57 11.44 -4.61
N ASP A 83 23.28 11.81 -5.68
CA ASP A 83 23.54 10.90 -6.80
C ASP A 83 24.80 10.11 -6.52
N ILE A 84 24.68 8.82 -6.17
CA ILE A 84 25.84 8.07 -5.73
C ILE A 84 26.34 7.13 -6.83
N ARG A 85 27.61 7.30 -7.23
CA ARG A 85 28.25 6.46 -8.22
C ARG A 85 28.67 5.13 -7.59
N ASP A 86 29.19 5.19 -6.36
CA ASP A 86 29.53 4.00 -5.60
C ASP A 86 29.12 4.18 -4.13
N TYR A 87 28.44 3.16 -3.59
CA TYR A 87 27.88 3.20 -2.25
C TYR A 87 28.93 2.82 -1.20
N ARG A 88 29.95 2.07 -1.62
CA ARG A 88 30.91 1.48 -0.70
C ARG A 88 32.22 2.26 -0.68
N ARG A 89 32.19 3.54 -1.11
CA ARG A 89 33.39 4.35 -1.20
C ARG A 89 33.07 5.76 -0.73
N ILE A 90 33.97 6.32 0.09
CA ILE A 90 33.83 7.69 0.57
C ILE A 90 34.23 8.64 -0.55
N MET A 91 33.45 9.73 -0.67
CA MET A 91 33.65 10.76 -1.69
C MET A 91 35.09 11.26 -1.61
N ASP A 92 35.79 11.27 -2.75
CA ASP A 92 37.20 11.65 -2.80
C ASP A 92 37.43 13.00 -2.13
N GLU A 93 36.47 13.93 -2.29
CA GLU A 93 36.64 15.29 -1.81
C GLU A 93 36.64 15.35 -0.28
N PHE A 94 35.93 14.42 0.36
CA PHE A 94 35.73 14.45 1.80
C PHE A 94 36.94 13.82 2.50
N GLY A 95 37.42 12.69 1.98
CA GLY A 95 38.56 11.99 2.56
C GLY A 95 38.54 10.52 2.19
N THR A 96 39.13 9.68 3.05
CA THR A 96 39.18 8.24 2.83
C THR A 96 38.40 7.55 3.95
N LEU A 97 38.08 6.26 3.73
CA LEU A 97 37.29 5.48 4.67
C LEU A 97 37.90 5.57 6.06
N GLU A 98 39.23 5.66 6.13
CA GLU A 98 39.96 5.78 7.39
C GLU A 98 39.58 7.09 8.08
N ASP A 99 39.72 8.21 7.36
CA ASP A 99 39.36 9.51 7.88
C ASP A 99 37.95 9.47 8.46
N TRP A 100 37.08 8.70 7.80
CA TRP A 100 35.71 8.48 8.24
C TRP A 100 35.68 7.58 9.49
N GLU A 101 36.46 6.49 9.47
CA GLU A 101 36.53 5.55 10.58
C GLU A 101 36.96 6.25 11.87
N ARG A 102 37.88 7.21 11.75
CA ARG A 102 38.30 8.02 12.88
C ARG A 102 37.09 8.67 13.54
N LEU A 103 36.30 9.38 12.72
CA LEU A 103 35.15 10.13 13.20
C LEU A 103 34.23 9.21 14.01
N LEU A 104 33.98 8.01 13.48
CA LEU A 104 33.15 7.02 14.17
C LEU A 104 33.79 6.70 15.51
N GLU A 105 35.09 6.42 15.50
CA GLU A 105 35.82 6.04 16.71
C GLU A 105 35.78 7.19 17.72
N ASP A 106 36.31 8.36 17.33
CA ASP A 106 36.31 9.54 18.18
C ASP A 106 34.92 9.75 18.77
N LEU A 107 33.89 9.74 17.92
CA LEU A 107 32.51 9.97 18.36
C LEU A 107 32.09 8.86 19.32
N HIS A 108 32.39 7.60 18.99
CA HIS A 108 32.08 6.47 19.86
C HIS A 108 32.89 6.54 21.14
N ALA A 109 33.99 7.31 21.12
CA ALA A 109 34.86 7.48 22.26
C ALA A 109 34.44 8.69 23.10
N ARG A 110 33.82 9.69 22.47
CA ARG A 110 33.29 10.86 23.17
C ARG A 110 31.91 10.55 23.74
N GLY A 111 31.42 9.32 23.52
CA GLY A 111 30.13 8.89 24.00
C GLY A 111 29.01 9.25 23.02
N MET A 112 29.37 9.47 21.75
CA MET A 112 28.47 10.01 20.74
C MET A 112 28.23 8.97 19.65
N LYS A 113 27.34 9.31 18.69
CA LYS A 113 26.86 8.36 17.70
C LYS A 113 26.88 8.98 16.31
N LEU A 114 26.86 8.13 15.27
CA LEU A 114 26.92 8.59 13.89
C LEU A 114 25.69 8.07 13.12
N ILE A 115 25.03 8.99 12.40
CA ILE A 115 23.92 8.66 11.52
C ILE A 115 24.38 8.82 10.07
N MET A 116 23.88 7.94 9.19
CA MET A 116 24.29 7.90 7.80
C MET A 116 23.08 8.21 6.91
N ASP A 117 23.34 8.75 5.71
CA ASP A 117 22.29 9.13 4.78
C ASP A 117 22.07 8.00 3.77
N LEU A 118 20.84 7.46 3.77
CA LEU A 118 20.43 6.40 2.87
C LEU A 118 19.63 7.03 1.73
N VAL A 119 20.30 7.18 0.58
CA VAL A 119 19.70 7.70 -0.65
C VAL A 119 19.53 6.51 -1.59
N VAL A 120 18.32 5.96 -1.67
CA VAL A 120 18.18 4.61 -2.21
C VAL A 120 17.10 4.48 -3.28
N ASN A 121 16.15 5.41 -3.38
CA ASN A 121 15.17 5.33 -4.45
C ASN A 121 15.78 5.76 -5.78
N HIS A 122 16.88 6.53 -5.71
CA HIS A 122 17.57 7.01 -6.90
C HIS A 122 19.07 6.82 -6.73
N SER A 123 19.75 6.60 -7.87
CA SER A 123 21.18 6.36 -7.92
C SER A 123 21.81 7.36 -8.89
N SER A 124 23.14 7.26 -9.09
CA SER A 124 23.83 8.06 -10.08
C SER A 124 23.65 7.45 -11.47
N ASP A 125 23.80 8.28 -12.51
CA ASP A 125 23.95 7.80 -13.87
C ASP A 125 25.18 6.90 -13.98
N GLU A 126 26.20 7.21 -13.15
CA GLU A 126 27.50 6.58 -13.27
C GLU A 126 27.51 5.22 -12.56
N HIS A 127 26.46 4.88 -11.81
CA HIS A 127 26.45 3.62 -11.09
C HIS A 127 26.56 2.47 -12.09
N ALA A 128 27.34 1.44 -11.73
CA ALA A 128 27.59 0.32 -12.63
C ALA A 128 26.27 -0.17 -13.22
N TRP A 129 25.19 -0.12 -12.43
CA TRP A 129 23.89 -0.63 -12.84
C TRP A 129 23.36 0.16 -14.04
N PHE A 130 23.31 1.48 -13.92
CA PHE A 130 22.75 2.36 -14.95
C PHE A 130 23.55 2.22 -16.24
N SER A 131 24.89 2.24 -16.10
CA SER A 131 25.79 2.02 -17.22
C SER A 131 25.53 0.65 -17.86
N GLU A 132 25.01 -0.30 -17.08
CA GLU A 132 24.65 -1.61 -17.58
C GLU A 132 23.19 -1.64 -18.05
N SER A 133 22.33 -0.89 -17.36
CA SER A 133 20.92 -0.80 -17.70
C SER A 133 20.76 -0.28 -19.13
N ARG A 134 21.28 0.93 -19.37
CA ARG A 134 21.13 1.61 -20.65
C ARG A 134 21.71 0.80 -21.80
N LYS A 135 22.65 -0.10 -21.50
CA LYS A 135 23.33 -0.88 -22.52
C LYS A 135 22.32 -1.54 -23.47
N SER A 136 21.30 -2.21 -22.94
CA SER A 136 20.36 -2.95 -23.78
C SER A 136 19.06 -3.25 -23.06
N ARG A 137 18.13 -3.89 -23.79
CA ARG A 137 16.86 -4.35 -23.25
C ARG A 137 16.95 -5.80 -22.77
N ASP A 138 18.16 -6.39 -22.80
CA ASP A 138 18.34 -7.80 -22.47
C ASP A 138 19.07 -8.00 -21.15
N GLY A 139 19.82 -7.00 -20.67
CA GLY A 139 20.64 -7.14 -19.48
C GLY A 139 19.80 -7.10 -18.21
N GLU A 140 20.25 -7.83 -17.17
CA GLU A 140 19.55 -7.93 -15.91
C GLU A 140 19.30 -6.54 -15.32
N HIS A 141 20.25 -5.63 -15.55
CA HIS A 141 20.27 -4.32 -14.92
C HIS A 141 19.26 -3.37 -15.56
N ARG A 142 18.54 -3.85 -16.58
CA ARG A 142 17.58 -3.02 -17.30
C ARG A 142 16.38 -2.68 -16.41
N ASP A 143 16.03 -3.59 -15.50
CA ASP A 143 14.83 -3.45 -14.68
C ASP A 143 15.19 -2.94 -13.28
N TYR A 144 16.48 -2.62 -13.07
CA TYR A 144 16.91 -1.99 -11.83
C TYR A 144 16.40 -0.55 -11.78
N TYR A 145 16.14 0.04 -12.95
CA TYR A 145 15.63 1.40 -13.05
C TYR A 145 14.31 1.38 -13.81
N ILE A 146 13.52 2.45 -13.64
CA ILE A 146 12.19 2.54 -14.26
C ILE A 146 12.35 3.12 -15.68
N TRP A 147 12.58 2.21 -16.64
CA TRP A 147 12.57 2.53 -18.06
C TRP A 147 11.20 2.20 -18.66
N ARG A 148 10.59 3.18 -19.34
CA ARG A 148 9.29 2.99 -19.99
C ARG A 148 9.36 3.60 -21.39
N ASP A 149 8.33 3.31 -22.21
CA ASP A 149 8.28 3.77 -23.58
C ASP A 149 7.44 5.05 -23.67
N GLY A 150 7.75 5.89 -24.66
CA GLY A 150 7.16 7.21 -24.77
C GLY A 150 5.69 7.15 -25.18
N LYS A 151 4.87 8.00 -24.53
CA LYS A 151 3.45 8.10 -24.82
C LYS A 151 3.23 9.16 -25.90
N GLY A 152 3.24 8.73 -27.16
CA GLY A 152 2.88 9.58 -28.29
C GLY A 152 4.06 10.40 -28.79
N GLY A 153 5.27 9.82 -28.69
CA GLY A 153 6.47 10.48 -29.19
C GLY A 153 7.00 11.53 -28.22
N ALA A 154 6.60 11.42 -26.95
CA ALA A 154 7.09 12.29 -25.89
C ALA A 154 7.32 11.44 -24.64
N GLU A 155 7.30 12.09 -23.47
CA GLU A 155 7.52 11.41 -22.20
C GLU A 155 6.32 10.51 -21.88
N PRO A 156 6.51 9.37 -21.19
CA PRO A 156 5.41 8.48 -20.80
C PRO A 156 4.42 9.03 -19.78
N ASN A 157 4.68 10.23 -19.22
CA ASN A 157 3.70 10.89 -18.37
C ASN A 157 3.98 12.39 -18.30
N ASN A 158 3.06 13.14 -17.71
CA ASN A 158 3.20 14.59 -17.56
C ASN A 158 3.82 14.91 -16.20
N TRP A 159 4.45 13.91 -15.57
CA TRP A 159 5.17 14.11 -14.32
C TRP A 159 6.38 15.03 -14.56
N SER A 160 6.69 15.84 -13.54
CA SER A 160 7.79 16.78 -13.59
C SER A 160 8.91 16.34 -12.64
N SER A 161 10.16 16.67 -13.02
CA SER A 161 11.27 16.66 -12.09
C SER A 161 11.01 17.69 -11.00
N PHE A 162 11.73 17.57 -9.87
CA PHE A 162 11.57 18.49 -8.76
C PHE A 162 12.33 19.79 -9.04
N PHE A 163 13.52 19.67 -9.62
CA PHE A 163 14.36 20.82 -9.91
C PHE A 163 13.73 21.64 -11.04
N SER A 164 13.54 20.99 -12.20
CA SER A 164 12.93 21.64 -13.35
C SER A 164 12.64 20.59 -14.44
N GLY A 165 11.56 20.82 -15.19
CA GLY A 165 11.28 20.04 -16.39
C GLY A 165 10.78 18.65 -16.06
N SER A 166 10.84 17.76 -17.07
CA SER A 166 10.25 16.44 -16.99
C SER A 166 11.01 15.56 -16.00
N ALA A 167 10.39 14.44 -15.64
CA ALA A 167 11.01 13.42 -14.81
C ALA A 167 11.34 12.19 -15.65
N TRP A 168 11.46 12.37 -16.98
CA TRP A 168 11.84 11.32 -17.90
C TRP A 168 12.90 11.83 -18.86
N LYS A 169 14.00 11.07 -19.03
CA LYS A 169 15.01 11.44 -20.00
C LYS A 169 15.22 10.28 -20.98
N TYR A 170 15.33 10.63 -22.27
CA TYR A 170 15.32 9.64 -23.34
C TYR A 170 16.74 9.11 -23.54
N ASP A 171 16.83 7.85 -24.00
CA ASP A 171 18.09 7.23 -24.36
C ASP A 171 17.91 6.50 -25.68
N GLY A 172 18.68 6.91 -26.71
CA GLY A 172 18.55 6.37 -28.04
C GLY A 172 19.06 4.94 -28.14
N GLU A 173 20.06 4.61 -27.33
CA GLU A 173 20.64 3.26 -27.32
C GLU A 173 19.56 2.23 -27.02
N THR A 174 18.52 2.65 -26.27
CA THR A 174 17.40 1.77 -25.96
C THR A 174 16.09 2.34 -26.49
N ASP A 175 16.08 3.62 -26.92
CA ASP A 175 14.91 4.23 -27.52
C ASP A 175 13.75 4.23 -26.54
N GLN A 176 13.99 4.73 -25.33
CA GLN A 176 12.99 4.81 -24.28
C GLN A 176 13.43 5.83 -23.24
N TYR A 177 12.52 6.18 -22.31
CA TYR A 177 12.81 7.18 -21.30
C TYR A 177 13.14 6.48 -19.98
N TYR A 178 13.78 7.21 -19.05
CA TYR A 178 14.08 6.70 -17.73
C TYR A 178 13.60 7.71 -16.68
N LEU A 179 13.04 7.19 -15.57
CA LEU A 179 12.42 8.03 -14.55
C LEU A 179 13.52 8.76 -13.78
N HIS A 180 13.45 10.10 -13.79
CA HIS A 180 14.36 10.94 -13.03
C HIS A 180 13.52 11.98 -12.30
N LEU A 181 12.84 11.54 -11.24
CA LEU A 181 12.00 12.40 -10.42
C LEU A 181 12.82 13.55 -9.84
N PHE A 182 14.14 13.36 -9.77
CA PHE A 182 15.05 14.44 -9.43
C PHE A 182 15.91 14.76 -10.66
N SER A 183 17.20 15.04 -10.44
CA SER A 183 18.11 15.42 -11.52
C SER A 183 18.19 14.31 -12.55
N SER A 184 18.62 14.66 -13.76
CA SER A 184 18.85 13.68 -14.81
C SER A 184 19.98 12.74 -14.39
N LYS A 185 20.78 13.18 -13.40
CA LYS A 185 21.92 12.41 -12.91
C LYS A 185 21.51 11.53 -11.73
N GLN A 186 20.23 11.61 -11.33
CA GLN A 186 19.67 10.78 -10.27
C GLN A 186 18.60 9.85 -10.85
N PRO A 187 18.97 8.79 -11.60
CA PRO A 187 18.01 7.81 -12.10
C PRO A 187 17.35 6.97 -11.02
N ASP A 188 16.01 7.05 -10.94
CA ASP A 188 15.24 6.39 -9.89
C ASP A 188 15.30 4.87 -10.06
N LEU A 189 15.34 4.18 -8.92
CA LEU A 189 15.56 2.73 -8.84
C LEU A 189 14.22 2.00 -8.74
N ASN A 190 14.15 0.82 -9.36
CA ASN A 190 12.94 0.03 -9.41
C ASN A 190 12.91 -0.90 -8.19
N TRP A 191 12.42 -0.35 -7.06
CA TRP A 191 12.29 -1.10 -5.82
C TRP A 191 11.31 -2.26 -5.99
N GLU A 192 10.63 -2.33 -7.13
CA GLU A 192 9.77 -3.46 -7.45
C GLU A 192 10.60 -4.54 -8.15
N ASN A 193 11.86 -4.65 -7.74
CA ASN A 193 12.75 -5.72 -8.17
C ASN A 193 13.47 -6.24 -6.92
N GLY A 194 13.26 -7.52 -6.59
CA GLY A 194 13.91 -8.15 -5.47
C GLY A 194 15.41 -7.87 -5.46
N LYS A 195 16.04 -7.97 -6.64
CA LYS A 195 17.46 -7.75 -6.79
C LYS A 195 17.85 -6.36 -6.31
N VAL A 196 17.11 -5.34 -6.77
CA VAL A 196 17.35 -3.97 -6.36
C VAL A 196 17.32 -3.91 -4.84
N ARG A 197 16.19 -4.31 -4.25
CA ARG A 197 15.99 -4.25 -2.81
C ARG A 197 17.07 -5.06 -2.08
N ARG A 198 17.34 -6.28 -2.56
CA ARG A 198 18.31 -7.16 -1.92
C ARG A 198 19.66 -6.49 -1.82
N GLU A 199 20.06 -5.79 -2.89
CA GLU A 199 21.33 -5.09 -2.94
C GLU A 199 21.32 -3.89 -1.99
N VAL A 200 20.15 -3.27 -1.83
CA VAL A 200 20.00 -2.15 -0.91
C VAL A 200 20.34 -2.60 0.50
N TYR A 201 19.94 -3.83 0.84
CA TYR A 201 20.11 -4.35 2.18
C TYR A 201 21.58 -4.67 2.44
N ASN A 202 22.28 -5.12 1.39
CA ASN A 202 23.67 -5.51 1.53
C ASN A 202 24.51 -4.29 1.91
N MET A 203 24.36 -3.18 1.18
CA MET A 203 25.14 -1.99 1.44
C MET A 203 24.82 -1.46 2.85
N MET A 204 23.55 -1.58 3.26
CA MET A 204 23.15 -1.13 4.57
C MET A 204 23.90 -1.95 5.61
N ALA A 205 23.85 -3.27 5.46
CA ALA A 205 24.58 -4.19 6.32
C ALA A 205 26.07 -3.87 6.25
N TRP A 206 26.57 -3.60 5.05
CA TRP A 206 27.98 -3.29 4.87
C TRP A 206 28.39 -2.19 5.85
N TRP A 207 27.58 -1.12 5.93
CA TRP A 207 27.87 0.01 6.82
C TRP A 207 27.50 -0.34 8.27
N LEU A 208 26.34 -1.00 8.45
CA LEU A 208 25.86 -1.37 9.77
C LEU A 208 26.82 -2.34 10.45
N ASP A 209 27.47 -3.19 9.66
CA ASP A 209 28.50 -4.11 10.15
C ASP A 209 29.68 -3.34 10.76
N LYS A 210 29.84 -2.07 10.38
CA LYS A 210 30.97 -1.25 10.81
C LYS A 210 30.64 -0.43 12.04
N GLY A 211 29.34 -0.35 12.40
CA GLY A 211 28.94 0.14 13.71
C GLY A 211 28.26 1.50 13.68
N ILE A 212 27.86 1.99 12.49
CA ILE A 212 27.09 3.23 12.41
C ILE A 212 25.86 3.10 13.32
N ASP A 213 25.54 4.17 14.04
CA ASP A 213 24.50 4.10 15.05
C ASP A 213 23.20 4.71 14.54
N GLY A 214 22.89 4.46 13.24
CA GLY A 214 21.61 4.83 12.67
C GLY A 214 21.69 5.22 11.20
N PHE A 215 20.52 5.18 10.54
CA PHE A 215 20.38 5.43 9.12
C PHE A 215 19.25 6.42 8.88
N ARG A 216 19.60 7.64 8.46
CA ARG A 216 18.64 8.61 7.97
C ARG A 216 18.35 8.29 6.51
N MET A 217 17.08 8.02 6.19
CA MET A 217 16.72 7.52 4.88
C MET A 217 16.11 8.65 4.05
N ASP A 218 16.57 8.76 2.79
CA ASP A 218 16.23 9.88 1.92
C ASP A 218 15.03 9.51 1.05
N VAL A 219 13.97 10.32 1.15
CA VAL A 219 12.71 10.14 0.44
C VAL A 219 12.34 8.67 0.39
N ILE A 220 12.05 8.10 1.58
CA ILE A 220 11.71 6.69 1.71
C ILE A 220 10.34 6.40 1.11
N ASN A 221 9.43 7.38 1.19
CA ASN A 221 8.07 7.20 0.70
C ASN A 221 7.99 7.35 -0.82
N LEU A 222 9.11 7.73 -1.45
CA LEU A 222 9.19 7.80 -2.91
C LEU A 222 9.72 6.51 -3.51
N ILE A 223 9.96 5.49 -2.67
CA ILE A 223 10.59 4.25 -3.10
C ILE A 223 9.67 3.45 -4.03
N SER A 224 8.35 3.53 -3.81
CA SER A 224 7.39 2.79 -4.62
C SER A 224 6.55 3.73 -5.47
N LYS A 225 6.26 3.30 -6.71
CA LYS A 225 5.41 4.04 -7.64
C LYS A 225 4.19 3.19 -7.98
N VAL A 226 3.05 3.86 -8.21
CA VAL A 226 1.83 3.20 -8.67
C VAL A 226 2.17 2.33 -9.88
N PRO A 227 1.75 1.05 -9.91
CA PRO A 227 2.23 0.07 -10.88
C PRO A 227 2.07 0.46 -12.35
N GLY A 228 1.00 1.20 -12.67
CA GLY A 228 0.70 1.54 -14.05
C GLY A 228 1.41 2.80 -14.55
N LEU A 229 2.36 3.33 -13.76
CA LEU A 229 3.03 4.58 -14.06
C LEU A 229 2.05 5.55 -14.72
N PRO A 230 1.10 6.13 -13.96
CA PRO A 230 0.06 6.97 -14.53
C PRO A 230 0.56 8.39 -14.79
N ASP A 231 -0.24 9.15 -15.53
CA ASP A 231 0.01 10.58 -15.74
C ASP A 231 -0.71 11.35 -14.64
N ALA A 232 -0.57 12.67 -14.65
CA ALA A 232 -1.03 13.50 -13.55
C ALA A 232 -2.31 14.22 -13.93
N PRO A 233 -3.49 13.83 -13.39
CA PRO A 233 -4.71 14.60 -13.58
C PRO A 233 -4.53 16.07 -13.19
N GLY A 234 -5.06 16.97 -14.03
CA GLY A 234 -4.74 18.38 -13.96
C GLY A 234 -4.03 18.84 -15.24
N GLU A 235 -3.49 17.89 -16.01
CA GLU A 235 -2.90 18.15 -17.32
C GLU A 235 -1.68 19.05 -17.13
N GLY A 236 -1.59 20.13 -17.90
CA GLY A 236 -0.45 21.04 -17.84
C GLY A 236 0.70 20.54 -18.72
N ARG A 237 1.76 21.35 -18.84
CA ARG A 237 2.95 20.95 -19.56
C ARG A 237 3.61 19.80 -18.82
N TYR A 238 4.08 20.08 -17.60
CA TYR A 238 4.63 19.08 -16.70
C TYR A 238 4.10 19.36 -15.30
N ARG A 239 3.47 18.35 -14.69
CA ARG A 239 2.83 18.51 -13.38
C ARG A 239 3.32 17.45 -12.40
N SER A 240 2.73 17.46 -11.19
CA SER A 240 3.16 16.62 -10.09
C SER A 240 2.62 15.21 -10.24
N GLY A 241 3.49 14.22 -10.04
CA GLY A 241 3.09 12.83 -9.93
C GLY A 241 3.10 12.38 -8.47
N ALA A 242 3.00 13.34 -7.54
CA ALA A 242 3.11 13.08 -6.12
C ALA A 242 2.01 12.13 -5.63
N ASP A 243 0.91 12.02 -6.38
CA ASP A 243 -0.18 11.15 -6.00
C ASP A 243 0.16 9.68 -6.25
N TYR A 244 1.27 9.41 -6.95
CA TYR A 244 1.54 8.07 -7.46
C TYR A 244 2.93 7.56 -7.04
N PHE A 245 3.92 8.46 -6.95
CA PHE A 245 5.24 8.06 -6.49
C PHE A 245 5.32 8.27 -4.97
N MET A 246 4.87 9.43 -4.50
CA MET A 246 4.89 9.75 -3.08
C MET A 246 3.92 8.82 -2.36
N ASN A 247 4.22 8.50 -1.09
CA ASN A 247 3.37 7.65 -0.28
C ASN A 247 2.86 6.47 -1.12
N GLY A 248 3.80 5.76 -1.74
CA GLY A 248 3.48 4.72 -2.71
C GLY A 248 2.72 3.56 -2.09
N PRO A 249 2.25 2.59 -2.91
CA PRO A 249 1.52 1.43 -2.42
C PRO A 249 2.37 0.39 -1.68
N ARG A 250 3.63 0.21 -2.12
CA ARG A 250 4.48 -0.84 -1.56
C ARG A 250 5.53 -0.26 -0.62
N VAL A 251 5.40 1.02 -0.28
CA VAL A 251 6.37 1.67 0.60
C VAL A 251 6.49 0.84 1.88
N HIS A 252 5.35 0.59 2.54
CA HIS A 252 5.32 -0.09 3.82
C HIS A 252 5.70 -1.56 3.67
N GLU A 253 5.42 -2.13 2.49
CA GLU A 253 5.77 -3.52 2.21
C GLU A 253 7.29 -3.72 2.27
N TYR A 254 8.04 -2.70 1.84
CA TYR A 254 9.48 -2.81 1.72
C TYR A 254 10.16 -2.48 3.05
N LEU A 255 9.70 -1.44 3.74
CA LEU A 255 10.32 -1.01 4.99
C LEU A 255 10.30 -2.16 5.99
N GLN A 256 9.15 -2.84 6.10
CA GLN A 256 9.01 -3.98 6.98
C GLN A 256 9.97 -5.09 6.58
N GLU A 257 10.24 -5.23 5.28
CA GLU A 257 11.28 -6.14 4.81
C GLU A 257 12.64 -5.63 5.28
N MET A 258 12.89 -4.33 5.08
CA MET A 258 14.15 -3.69 5.44
C MET A 258 14.41 -3.89 6.94
N ASN A 259 13.42 -3.55 7.77
CA ASN A 259 13.50 -3.76 9.20
C ASN A 259 13.83 -5.24 9.43
N ARG A 260 12.92 -6.11 9.00
CA ARG A 260 13.07 -7.54 9.18
C ARG A 260 14.42 -8.03 8.63
N GLU A 261 14.85 -7.47 7.49
CA GLU A 261 16.02 -7.98 6.78
C GLU A 261 17.32 -7.40 7.32
N VAL A 262 17.34 -6.11 7.70
CA VAL A 262 18.60 -5.47 8.08
C VAL A 262 18.47 -4.70 9.39
N LEU A 263 17.49 -3.78 9.50
CA LEU A 263 17.44 -2.85 10.62
C LEU A 263 17.39 -3.59 11.96
N SER A 264 16.68 -4.72 12.01
CA SER A 264 16.44 -5.43 13.25
C SER A 264 17.76 -5.92 13.86
N ARG A 265 18.59 -6.56 13.03
CA ARG A 265 19.79 -7.24 13.49
C ARG A 265 20.82 -6.27 14.05
N TYR A 266 20.55 -4.95 13.96
CA TYR A 266 21.46 -3.95 14.46
C TYR A 266 20.73 -3.03 15.44
N ASP A 267 21.44 -2.59 16.49
CA ASP A 267 20.93 -1.57 17.40
C ASP A 267 21.19 -0.20 16.78
N ILE A 268 20.12 0.45 16.29
CA ILE A 268 20.27 1.69 15.53
C ILE A 268 19.10 2.65 15.82
N MET A 269 19.16 3.82 15.18
CA MET A 269 18.09 4.80 15.13
C MET A 269 17.73 5.03 13.66
N THR A 270 16.45 5.27 13.35
CA THR A 270 16.04 5.42 11.96
C THR A 270 15.05 6.58 11.81
N VAL A 271 15.52 7.64 11.14
CA VAL A 271 14.68 8.75 10.71
C VAL A 271 14.58 8.70 9.19
N GLY A 272 13.44 9.11 8.64
CA GLY A 272 13.17 9.04 7.21
C GLY A 272 12.73 10.38 6.65
N GLU A 273 13.23 10.71 5.45
CA GLU A 273 12.80 11.90 4.72
C GLU A 273 11.51 11.55 3.97
N THR A 274 10.38 11.71 4.64
CA THR A 274 9.07 11.49 4.03
C THR A 274 8.43 12.86 3.76
N PRO A 275 8.46 13.35 2.49
CA PRO A 275 7.79 14.61 2.16
C PRO A 275 6.29 14.46 1.93
N GLY A 276 5.52 15.43 2.44
CA GLY A 276 4.08 15.47 2.27
C GLY A 276 3.44 14.17 2.78
N VAL A 277 3.61 13.92 4.07
CA VAL A 277 2.98 12.79 4.73
C VAL A 277 2.04 13.35 5.79
N THR A 278 0.82 12.80 5.88
CA THR A 278 -0.13 13.16 6.91
C THR A 278 0.25 12.43 8.20
N PRO A 279 -0.06 13.00 9.39
CA PRO A 279 0.23 12.32 10.66
C PRO A 279 -0.14 10.84 10.68
N GLU A 280 -1.30 10.52 10.06
CA GLU A 280 -1.84 9.18 10.08
C GLU A 280 -1.02 8.26 9.19
N GLN A 281 -0.55 8.78 8.06
CA GLN A 281 0.35 8.04 7.18
C GLN A 281 1.64 7.77 7.96
N ALA A 282 2.12 8.80 8.66
CA ALA A 282 3.34 8.70 9.45
C ALA A 282 3.21 7.58 10.47
N ALA A 283 2.08 7.51 11.16
CA ALA A 283 1.84 6.50 12.18
C ALA A 283 2.15 5.09 11.66
N LEU A 284 1.97 4.86 10.36
CA LEU A 284 2.30 3.58 9.76
C LEU A 284 3.81 3.47 9.55
N TYR A 285 4.52 4.60 9.58
CA TYR A 285 5.97 4.62 9.52
C TYR A 285 6.55 4.65 10.93
N VAL A 286 5.98 5.48 11.79
CA VAL A 286 6.56 5.83 13.08
C VAL A 286 5.98 4.94 14.18
N GLY A 287 4.91 4.21 13.86
CA GLY A 287 4.18 3.43 14.85
C GLY A 287 5.07 2.42 15.56
N GLU A 288 4.86 2.30 16.87
CA GLU A 288 5.66 1.42 17.71
C GLU A 288 5.68 0.01 17.14
N ASP A 289 4.49 -0.49 16.78
CA ASP A 289 4.30 -1.90 16.47
C ASP A 289 4.39 -2.13 14.96
N ARG A 290 4.52 -1.03 14.20
CA ARG A 290 4.61 -1.12 12.74
C ARG A 290 5.88 -1.87 12.34
N GLY A 291 6.98 -1.58 13.04
CA GLY A 291 8.24 -2.25 12.78
C GLY A 291 8.90 -1.73 11.51
N GLU A 292 8.65 -0.46 11.20
CA GLU A 292 9.12 0.17 9.98
C GLU A 292 10.34 1.05 10.33
N LEU A 293 10.07 2.33 10.58
CA LEU A 293 11.09 3.29 10.99
C LEU A 293 10.80 3.72 12.42
N ASN A 294 11.74 4.48 13.00
CA ASN A 294 11.61 4.95 14.37
C ASN A 294 11.00 6.35 14.38
N MET A 295 11.37 7.17 13.39
CA MET A 295 10.79 8.50 13.26
C MET A 295 10.91 8.96 11.81
N VAL A 296 10.18 10.04 11.46
CA VAL A 296 10.12 10.53 10.09
C VAL A 296 10.12 12.05 10.10
N PHE A 297 10.57 12.63 8.98
CA PHE A 297 10.58 14.07 8.74
C PHE A 297 9.35 14.46 7.93
N GLN A 298 8.33 14.99 8.61
CA GLN A 298 7.18 15.60 7.97
C GLN A 298 7.59 16.97 7.42
N PHE A 299 7.06 17.32 6.23
CA PHE A 299 7.33 18.61 5.61
C PHE A 299 6.14 19.54 5.77
N GLU A 300 5.18 19.16 6.64
CA GLU A 300 3.89 19.84 6.71
C GLU A 300 4.04 21.20 7.40
N HIS A 301 5.09 21.35 8.22
CA HIS A 301 5.36 22.63 8.86
C HIS A 301 6.38 23.43 8.05
N MET A 302 6.77 22.89 6.90
CA MET A 302 7.64 23.59 5.96
C MET A 302 6.79 24.24 4.86
N ASP A 303 5.47 24.12 4.96
CA ASP A 303 4.56 24.69 3.98
C ASP A 303 3.57 25.62 4.70
N ILE A 304 4.07 26.32 5.72
CA ILE A 304 3.32 27.34 6.43
C ILE A 304 3.55 28.66 5.73
N ASP A 305 4.83 28.91 5.39
CA ASP A 305 5.23 30.08 4.62
C ASP A 305 4.98 29.84 3.13
N SER A 306 5.05 28.56 2.72
CA SER A 306 4.84 28.20 1.32
C SER A 306 3.35 28.23 0.98
N GLY A 307 3.05 28.37 -0.32
CA GLY A 307 1.68 28.54 -0.80
C GLY A 307 1.24 27.42 -1.73
N PRO A 308 0.24 27.66 -2.60
CA PRO A 308 -0.35 26.61 -3.43
C PRO A 308 0.42 26.29 -4.70
N GLY A 309 1.20 27.26 -5.21
CA GLY A 309 1.89 27.12 -6.47
C GLY A 309 3.16 26.28 -6.35
N GLY A 310 3.82 26.37 -5.18
CA GLY A 310 5.05 25.64 -4.93
C GLY A 310 5.71 26.10 -3.63
N LYS A 311 6.98 25.72 -3.44
CA LYS A 311 7.76 26.17 -2.30
C LYS A 311 8.09 27.65 -2.46
N TRP A 312 8.19 28.11 -3.71
CA TRP A 312 8.62 29.46 -4.02
C TRP A 312 7.52 30.47 -3.69
N ASP A 313 6.27 29.98 -3.59
CA ASP A 313 5.13 30.83 -3.29
C ASP A 313 5.19 31.20 -1.81
N VAL A 314 6.08 32.13 -1.46
CA VAL A 314 6.19 32.62 -0.10
C VAL A 314 4.94 33.42 0.21
N GLN A 315 4.23 33.03 1.28
CA GLN A 315 2.98 33.66 1.67
C GLN A 315 3.03 34.01 3.15
N PRO A 316 2.25 35.02 3.61
CA PRO A 316 2.13 35.30 5.04
C PRO A 316 1.60 34.09 5.80
N TRP A 317 1.99 33.96 7.07
CA TRP A 317 1.65 32.77 7.82
C TRP A 317 1.06 33.12 9.19
N ARG A 318 0.07 32.32 9.60
CA ARG A 318 -0.68 32.51 10.83
C ARG A 318 -0.08 31.66 11.93
N LEU A 319 0.26 32.28 13.07
CA LEU A 319 0.88 31.57 14.17
C LEU A 319 -0.01 30.41 14.58
N THR A 320 -1.33 30.64 14.55
CA THR A 320 -2.32 29.64 14.92
C THR A 320 -2.12 28.38 14.06
N ASP A 321 -2.15 28.55 12.73
CA ASP A 321 -2.08 27.44 11.80
C ASP A 321 -0.73 26.76 11.90
N PHE A 322 0.31 27.53 12.29
CA PHE A 322 1.61 26.96 12.60
C PHE A 322 1.48 26.08 13.85
N LYS A 323 0.95 26.68 14.92
CA LYS A 323 0.75 25.99 16.19
C LYS A 323 -0.08 24.72 15.97
N ARG A 324 -1.07 24.79 15.08
CA ARG A 324 -1.95 23.67 14.79
C ARG A 324 -1.15 22.47 14.25
N VAL A 325 -0.31 22.73 13.24
CA VAL A 325 0.43 21.66 12.57
C VAL A 325 1.46 21.08 13.54
N MET A 326 2.04 21.95 14.39
CA MET A 326 2.97 21.50 15.41
C MET A 326 2.23 20.64 16.43
N GLY A 327 1.15 21.19 16.99
CA GLY A 327 0.34 20.50 17.99
C GLY A 327 -0.31 19.23 17.42
N LYS A 328 -0.98 19.37 16.28
CA LYS A 328 -1.59 18.25 15.58
C LYS A 328 -0.63 17.07 15.57
N TRP A 329 0.57 17.30 15.03
CA TRP A 329 1.57 16.26 14.92
C TRP A 329 2.02 15.75 16.29
N GLN A 330 2.10 16.65 17.27
CA GLN A 330 2.53 16.31 18.61
C GLN A 330 1.50 15.41 19.29
N ARG A 331 0.22 15.80 19.18
CA ARG A 331 -0.88 15.06 19.79
C ARG A 331 -1.08 13.72 19.09
N GLU A 332 -1.02 13.72 17.75
CA GLU A 332 -1.41 12.57 16.94
C GLU A 332 -0.49 11.39 17.17
N LEU A 333 0.84 11.62 17.11
CA LEU A 333 1.82 10.55 17.20
C LEU A 333 2.24 10.32 18.66
N GLN A 334 1.65 11.06 19.59
CA GLN A 334 2.04 11.03 20.99
C GLN A 334 2.01 9.61 21.56
N ASP A 335 0.83 8.98 21.51
CA ASP A 335 0.52 7.82 22.34
C ASP A 335 1.40 6.65 21.93
N ARG A 336 1.45 6.37 20.63
CA ARG A 336 2.42 5.43 20.07
C ARG A 336 3.01 6.04 18.81
N GLY A 337 4.35 6.22 18.83
CA GLY A 337 5.06 6.97 17.80
C GLY A 337 5.92 8.06 18.43
N TRP A 338 6.82 8.64 17.61
CA TRP A 338 7.79 9.63 18.06
C TRP A 338 7.94 10.72 16.99
N ASN A 339 7.85 11.99 17.41
CA ASN A 339 7.96 13.11 16.49
C ASN A 339 9.40 13.61 16.41
N SER A 340 9.87 13.86 15.19
CA SER A 340 11.14 14.55 14.98
C SER A 340 10.88 16.05 14.96
N LEU A 341 11.68 16.81 15.71
CA LEU A 341 11.53 18.25 15.83
C LEU A 341 12.64 18.94 15.04
N TYR A 342 12.28 19.54 13.90
CA TYR A 342 13.23 20.20 13.01
C TYR A 342 12.53 21.38 12.32
N LEU A 343 13.18 22.55 12.33
CA LEU A 343 12.67 23.73 11.64
C LEU A 343 13.62 24.17 10.51
N ASN A 344 14.82 23.58 10.43
CA ASN A 344 15.73 23.88 9.34
C ASN A 344 16.69 22.72 9.08
N ASN A 345 16.79 22.33 7.82
CA ASN A 345 17.76 21.35 7.35
C ASN A 345 18.50 21.96 6.16
N HIS A 346 19.38 21.17 5.53
CA HIS A 346 20.19 21.65 4.42
C HIS A 346 19.32 22.00 3.21
N ASP A 347 18.14 21.38 3.09
CA ASP A 347 17.22 21.66 1.99
C ASP A 347 16.36 22.89 2.28
N GLN A 348 16.40 23.41 3.51
CA GLN A 348 15.45 24.44 3.93
C GLN A 348 16.19 25.70 4.40
N PRO A 349 15.57 26.89 4.25
CA PRO A 349 16.14 28.13 4.76
C PRO A 349 16.23 28.17 6.28
N ARG A 350 17.09 29.06 6.80
CA ARG A 350 17.43 29.08 8.22
C ARG A 350 16.34 29.80 9.01
N MET A 351 16.20 29.41 10.29
CA MET A 351 14.99 29.67 11.05
C MET A 351 15.01 31.06 11.67
N VAL A 352 16.16 31.47 12.24
CA VAL A 352 16.25 32.72 12.97
C VAL A 352 15.72 33.84 12.09
N SER A 353 15.90 33.68 10.77
CA SER A 353 15.39 34.60 9.77
C SER A 353 13.93 34.29 9.45
N ARG A 354 13.68 33.04 9.06
CA ARG A 354 12.40 32.61 8.52
C ARG A 354 11.26 32.92 9.50
N PHE A 355 11.32 32.34 10.70
CA PHE A 355 10.24 32.50 11.66
C PHE A 355 10.62 33.50 12.74
N GLY A 356 11.68 34.29 12.50
CA GLY A 356 12.20 35.23 13.49
C GLY A 356 12.77 36.48 12.83
N ASP A 357 13.28 37.41 13.65
CA ASP A 357 13.88 38.64 13.16
C ASP A 357 15.39 38.46 13.02
N ASP A 358 15.86 38.32 11.78
CA ASP A 358 17.28 38.21 11.48
C ASP A 358 17.99 39.54 11.76
N LYS A 359 17.22 40.64 11.73
CA LYS A 359 17.77 41.99 11.82
C LYS A 359 17.52 42.59 13.19
N ASN A 360 16.27 42.53 13.66
CA ASN A 360 15.87 43.20 14.90
C ASN A 360 16.35 42.40 16.11
N PHE A 361 15.91 41.13 16.22
CA PHE A 361 16.16 40.33 17.40
C PHE A 361 16.64 38.93 17.00
N ARG A 362 17.77 38.86 16.29
CA ARG A 362 18.32 37.58 15.85
C ARG A 362 18.50 36.67 17.07
N LYS A 363 19.26 37.14 18.07
CA LYS A 363 19.67 36.30 19.19
C LYS A 363 18.45 35.77 19.95
N GLN A 364 17.53 36.66 20.31
CA GLN A 364 16.34 36.29 21.05
C GLN A 364 15.49 35.33 20.23
N SER A 365 15.23 35.68 18.96
CA SER A 365 14.44 34.85 18.09
C SER A 365 14.92 33.41 18.17
N ALA A 366 16.22 33.19 17.90
CA ALA A 366 16.80 31.86 17.86
C ALA A 366 16.57 31.11 19.18
N LYS A 367 16.72 31.83 20.31
CA LYS A 367 16.67 31.23 21.62
C LYS A 367 15.29 30.62 21.89
N MET A 368 14.23 31.36 21.57
CA MET A 368 12.87 30.88 21.80
C MET A 368 12.49 29.80 20.81
N LEU A 369 12.90 29.97 19.54
CA LEU A 369 12.60 28.98 18.50
C LEU A 369 13.29 27.67 18.86
N GLY A 370 14.53 27.77 19.35
CA GLY A 370 15.25 26.62 19.86
C GLY A 370 14.53 26.01 21.06
N THR A 371 14.09 26.88 21.98
CA THR A 371 13.30 26.45 23.12
C THR A 371 12.20 25.53 22.62
N LEU A 372 11.45 25.99 21.60
CA LEU A 372 10.31 25.24 21.08
C LEU A 372 10.72 23.79 20.83
N LEU A 373 11.66 23.59 19.89
CA LEU A 373 12.02 22.25 19.46
C LEU A 373 12.64 21.45 20.60
N HIS A 374 13.09 22.14 21.67
CA HIS A 374 13.77 21.47 22.76
C HIS A 374 12.83 21.23 23.94
N THR A 375 11.79 22.06 24.08
CA THR A 375 10.80 21.86 25.14
C THR A 375 9.52 21.27 24.53
N LEU A 376 9.60 20.80 23.28
CA LEU A 376 8.54 19.99 22.67
C LEU A 376 8.95 18.51 22.73
N GLN A 377 7.94 17.63 22.65
CA GLN A 377 8.17 16.20 22.70
C GLN A 377 8.67 15.71 21.35
N GLY A 378 9.68 14.84 21.37
CA GLY A 378 10.26 14.29 20.16
C GLY A 378 11.79 14.34 20.21
N THR A 379 12.43 13.95 19.10
CA THR A 379 13.88 13.98 18.96
C THR A 379 14.26 15.30 18.30
N PRO A 380 14.84 16.27 19.03
CA PRO A 380 15.29 17.52 18.41
C PRO A 380 16.40 17.27 17.41
N TYR A 381 16.33 17.96 16.27
CA TYR A 381 17.42 17.99 15.31
C TYR A 381 17.95 19.42 15.28
N ILE A 382 19.28 19.55 15.23
CA ILE A 382 19.94 20.83 15.04
C ILE A 382 20.75 20.76 13.76
N TYR A 383 20.65 21.81 12.94
CA TYR A 383 21.43 21.92 11.73
C TYR A 383 22.57 22.92 11.97
N GLN A 384 23.68 22.70 11.25
CA GLN A 384 24.86 23.55 11.35
C GLN A 384 24.45 25.02 11.44
N GLY A 385 24.98 25.72 12.43
CA GLY A 385 24.87 27.18 12.51
C GLY A 385 23.62 27.64 13.27
N GLU A 386 22.65 26.74 13.43
CA GLU A 386 21.47 27.01 14.23
C GLU A 386 21.88 27.61 15.57
N GLU A 387 22.93 27.03 16.17
CA GLU A 387 23.42 27.41 17.49
C GLU A 387 24.04 28.81 17.46
N LEU A 388 24.48 29.27 16.27
CA LEU A 388 25.11 30.57 16.11
C LEU A 388 24.12 31.60 15.59
N GLY A 389 22.88 31.16 15.28
CA GLY A 389 21.86 32.04 14.74
C GLY A 389 22.22 32.56 13.34
N MET A 390 22.69 31.67 12.48
CA MET A 390 23.05 32.00 11.11
C MET A 390 21.79 32.43 10.35
N THR A 391 21.99 33.33 9.38
CA THR A 391 20.90 33.95 8.65
C THR A 391 20.94 33.50 7.19
N ASN A 392 19.77 33.47 6.54
CA ASN A 392 19.67 33.28 5.09
C ASN A 392 20.61 34.26 4.38
N VAL A 393 21.11 33.84 3.21
CA VAL A 393 22.08 34.64 2.47
C VAL A 393 21.39 35.31 1.29
N ARG A 394 21.84 36.54 0.98
CA ARG A 394 21.35 37.30 -0.15
C ARG A 394 22.55 37.79 -0.95
N PHE A 395 23.05 36.92 -1.85
CA PHE A 395 24.15 37.25 -2.73
C PHE A 395 23.64 38.16 -3.85
N GLY A 396 24.52 39.04 -4.34
CA GLY A 396 24.18 40.00 -5.38
C GLY A 396 23.59 39.33 -6.61
N SER A 397 24.37 38.44 -7.22
CA SER A 397 23.97 37.81 -8.47
C SER A 397 23.49 36.38 -8.20
N ILE A 398 22.98 35.75 -9.27
CA ILE A 398 22.65 34.33 -9.24
C ILE A 398 23.93 33.50 -9.33
N GLU A 399 24.98 34.08 -9.94
CA GLU A 399 26.24 33.39 -10.17
C GLU A 399 26.84 32.92 -8.84
N ASP A 400 26.57 33.70 -7.78
CA ASP A 400 27.06 33.41 -6.44
C ASP A 400 26.31 32.23 -5.83
N TYR A 401 25.39 31.61 -6.60
CA TYR A 401 24.63 30.46 -6.14
C TYR A 401 25.01 29.23 -6.96
N ARG A 402 24.73 28.05 -6.38
CA ARG A 402 25.13 26.76 -6.92
C ARG A 402 24.19 25.67 -6.41
N ASP A 403 22.99 25.57 -6.99
CA ASP A 403 22.05 24.52 -6.63
C ASP A 403 21.20 24.15 -7.83
N ILE A 404 21.21 22.85 -8.19
CA ILE A 404 20.52 22.35 -9.37
C ILE A 404 19.04 22.75 -9.36
N GLU A 405 18.49 23.11 -8.20
CA GLU A 405 17.14 23.61 -8.13
C GLU A 405 17.13 25.10 -8.46
N THR A 406 17.89 25.89 -7.68
CA THR A 406 17.91 27.33 -7.79
C THR A 406 18.17 27.76 -9.23
N LEU A 407 19.26 27.22 -9.81
CA LEU A 407 19.74 27.68 -11.11
C LEU A 407 18.97 27.00 -12.23
N ASN A 408 17.93 26.21 -11.87
CA ASN A 408 17.07 25.59 -12.85
C ASN A 408 15.68 26.21 -12.78
N MET A 409 15.30 26.68 -11.58
CA MET A 409 14.10 27.47 -11.42
C MET A 409 14.32 28.85 -12.06
N TYR A 410 15.53 29.39 -11.90
CA TYR A 410 15.90 30.66 -12.52
C TYR A 410 15.81 30.53 -14.04
N LYS A 411 16.66 29.66 -14.61
CA LYS A 411 16.72 29.46 -16.06
C LYS A 411 15.33 29.34 -16.68
N GLU A 412 14.49 28.45 -16.13
CA GLU A 412 13.17 28.19 -16.67
C GLU A 412 12.29 29.44 -16.54
N ALA A 413 12.17 29.96 -15.31
CA ALA A 413 11.30 31.08 -15.02
C ALA A 413 11.69 32.28 -15.88
N THR A 414 13.00 32.54 -16.00
CA THR A 414 13.51 33.63 -16.82
C THR A 414 13.22 33.36 -18.30
N GLY A 415 13.24 32.08 -18.70
CA GLY A 415 12.87 31.67 -20.04
C GLY A 415 11.38 31.85 -20.32
N ALA A 416 10.57 31.89 -19.26
CA ALA A 416 9.14 32.16 -19.36
C ALA A 416 8.88 33.67 -19.39
N GLY A 417 9.95 34.47 -19.21
CA GLY A 417 9.88 35.92 -19.31
C GLY A 417 9.60 36.57 -17.95
N ARG A 418 9.71 35.78 -16.88
CA ARG A 418 9.35 36.24 -15.55
C ARG A 418 10.40 37.24 -15.05
N PRO A 419 9.99 38.29 -14.30
CA PRO A 419 10.94 39.26 -13.76
C PRO A 419 11.99 38.63 -12.86
N ALA A 420 13.27 38.97 -13.09
CA ALA A 420 14.38 38.34 -12.40
C ALA A 420 14.35 38.70 -10.91
N GLU A 421 14.24 40.00 -10.61
CA GLU A 421 14.13 40.46 -9.23
C GLU A 421 13.10 39.62 -8.47
N ALA A 422 11.99 39.28 -9.13
CA ALA A 422 10.97 38.43 -8.56
C ALA A 422 11.52 37.01 -8.35
N VAL A 423 12.17 36.47 -9.38
CA VAL A 423 12.68 35.12 -9.34
C VAL A 423 13.77 35.02 -8.27
N MET A 424 14.53 36.10 -8.09
CA MET A 424 15.61 36.14 -7.11
C MET A 424 15.04 36.23 -5.69
N ALA A 425 13.95 36.98 -5.53
CA ALA A 425 13.30 37.13 -4.23
C ALA A 425 12.90 35.77 -3.69
N SER A 426 12.50 34.87 -4.59
CA SER A 426 12.13 33.51 -4.22
C SER A 426 13.37 32.71 -3.82
N VAL A 427 14.49 32.94 -4.52
CA VAL A 427 15.75 32.25 -4.27
C VAL A 427 16.30 32.67 -2.91
N TYR A 428 16.04 33.93 -2.53
CA TYR A 428 16.61 34.52 -1.33
C TYR A 428 15.96 33.97 -0.05
N SER A 429 14.69 33.53 -0.15
CA SER A 429 13.92 33.12 1.03
C SER A 429 13.70 31.61 1.09
N LYS A 430 13.59 30.95 -0.07
CA LYS A 430 13.25 29.53 -0.14
C LYS A 430 14.38 28.70 -0.74
N GLY A 431 15.55 29.32 -0.96
CA GLY A 431 16.68 28.61 -1.54
C GLY A 431 17.32 27.65 -0.54
N ARG A 432 18.17 26.76 -1.06
CA ARG A 432 18.80 25.71 -0.27
C ARG A 432 20.22 26.13 0.15
N ASP A 433 20.90 26.87 -0.73
CA ASP A 433 22.23 27.39 -0.45
C ASP A 433 22.15 28.56 0.53
N ASN A 434 20.94 28.89 0.99
CA ASN A 434 20.75 29.83 2.09
C ASN A 434 21.25 29.21 3.39
N ALA A 435 21.53 27.91 3.34
CA ALA A 435 21.88 27.12 4.51
C ALA A 435 23.23 26.43 4.33
N ARG A 436 23.71 26.35 3.09
CA ARG A 436 24.92 25.60 2.77
C ARG A 436 26.10 26.56 2.63
N THR A 437 26.02 27.72 3.30
CA THR A 437 27.11 28.68 3.31
C THR A 437 28.20 28.17 4.25
N PRO A 438 29.49 28.44 3.93
CA PRO A 438 30.59 28.09 4.83
C PRO A 438 30.32 28.51 6.27
N MET A 439 30.31 27.55 7.18
CA MET A 439 29.92 27.82 8.55
C MET A 439 30.88 28.84 9.15
N GLN A 440 30.39 29.58 10.13
CA GLN A 440 31.08 30.75 10.66
C GLN A 440 31.68 30.40 12.02
N TRP A 441 32.96 30.03 12.01
CA TRP A 441 33.68 29.60 13.20
C TRP A 441 34.39 30.78 13.86
N ASP A 442 34.95 31.68 13.05
CA ASP A 442 35.73 32.81 13.54
C ASP A 442 35.56 34.01 12.61
N GLY A 443 36.35 35.07 12.84
CA GLY A 443 36.19 36.34 12.15
C GLY A 443 37.22 36.55 11.05
N SER A 444 38.04 35.52 10.79
CA SER A 444 39.02 35.57 9.72
C SER A 444 38.32 35.35 8.38
N ALA A 445 39.11 35.24 7.31
CA ALA A 445 38.58 35.00 5.97
C ALA A 445 37.80 33.69 5.95
N HIS A 446 36.55 33.77 5.48
CA HIS A 446 35.69 32.61 5.30
C HIS A 446 35.35 31.97 6.65
N GLY A 447 35.18 32.82 7.67
CA GLY A 447 34.89 32.37 9.03
C GLY A 447 35.72 31.14 9.41
N GLY A 448 37.02 31.22 9.12
CA GLY A 448 37.96 30.15 9.41
C GLY A 448 37.40 28.77 9.03
N PHE A 449 36.86 28.67 7.81
CA PHE A 449 36.39 27.41 7.29
C PHE A 449 37.45 26.87 6.32
N THR A 450 37.71 27.61 5.24
CA THR A 450 38.71 27.21 4.26
C THR A 450 39.84 28.25 4.27
N THR A 451 41.07 27.78 4.07
CA THR A 451 42.24 28.65 3.97
C THR A 451 42.19 29.37 2.63
N GLY A 452 41.78 28.64 1.57
CA GLY A 452 41.69 29.17 0.22
C GLY A 452 40.38 29.92 0.00
N THR A 453 39.64 29.53 -1.05
CA THR A 453 38.37 30.16 -1.40
C THR A 453 37.26 29.12 -1.26
N PRO A 454 36.09 29.46 -0.66
CA PRO A 454 34.99 28.52 -0.52
C PRO A 454 34.27 28.22 -1.83
N TRP A 455 33.72 27.00 -1.95
CA TRP A 455 32.94 26.60 -3.11
C TRP A 455 31.72 27.49 -3.27
N ILE A 456 31.23 28.05 -2.15
CA ILE A 456 30.17 29.05 -2.15
C ILE A 456 30.60 30.18 -1.22
N ALA A 457 30.35 31.42 -1.64
CA ALA A 457 30.70 32.59 -0.84
C ALA A 457 30.18 32.43 0.59
N SER A 458 30.95 32.92 1.56
CA SER A 458 30.53 32.90 2.96
C SER A 458 29.81 34.21 3.28
N ASN A 459 28.75 34.11 4.08
CA ASN A 459 28.00 35.28 4.50
C ASN A 459 28.96 36.21 5.26
N PRO A 460 29.00 37.53 4.94
CA PRO A 460 29.92 38.44 5.62
C PRO A 460 29.53 38.73 7.07
N ASN A 461 28.68 37.87 7.64
CA ASN A 461 28.14 38.05 8.97
C ASN A 461 29.13 37.49 9.99
N TYR A 462 30.13 36.71 9.53
CA TYR A 462 31.00 35.97 10.41
C TYR A 462 31.71 36.90 11.39
N THR A 463 31.90 38.17 11.00
CA THR A 463 32.46 39.17 11.91
C THR A 463 31.47 39.46 13.04
N GLU A 464 30.26 38.90 12.97
CA GLU A 464 29.26 39.02 14.02
C GLU A 464 28.80 37.63 14.46
N ILE A 465 28.40 36.80 13.49
CA ILE A 465 27.92 35.44 13.74
C ILE A 465 29.08 34.46 13.58
N ASN A 466 29.59 33.93 14.70
CA ASN A 466 30.71 33.00 14.66
C ASN A 466 30.68 32.10 15.90
N ALA A 467 31.54 31.07 15.89
CA ALA A 467 31.59 30.09 16.97
C ALA A 467 32.33 30.64 18.19
N GLU A 468 33.44 31.37 17.95
CA GLU A 468 34.28 31.88 19.04
C GLU A 468 33.46 32.80 19.94
N ASP A 469 32.77 33.78 19.34
CA ASP A 469 31.96 34.74 20.05
C ASP A 469 30.94 34.01 20.93
N ALA A 470 30.30 32.99 20.33
CA ALA A 470 29.33 32.17 21.03
C ALA A 470 29.95 31.49 22.24
N ARG A 471 31.06 30.77 22.02
CA ARG A 471 31.75 30.02 23.06
C ARG A 471 32.32 30.99 24.10
N ARG A 472 32.51 32.26 23.70
CA ARG A 472 32.97 33.32 24.59
C ARG A 472 31.79 33.95 25.32
N ASP A 473 30.85 34.51 24.56
CA ASP A 473 29.67 35.19 25.10
C ASP A 473 28.88 34.19 25.97
N PRO A 474 28.73 34.43 27.29
CA PRO A 474 27.93 33.53 28.13
C PRO A 474 26.43 33.62 27.84
N ASP A 475 25.96 34.81 27.45
CA ASP A 475 24.59 35.00 26.99
C ASP A 475 24.56 34.88 25.47
N SER A 476 24.94 33.71 24.96
CA SER A 476 24.99 33.45 23.53
C SER A 476 23.94 32.41 23.14
N ILE A 477 23.61 32.36 21.85
CA ILE A 477 22.66 31.39 21.33
C ILE A 477 23.21 29.99 21.60
N PHE A 478 24.50 29.79 21.32
CA PHE A 478 25.18 28.53 21.57
C PHE A 478 24.90 28.05 23.00
N HIS A 479 25.06 28.94 23.98
CA HIS A 479 24.99 28.57 25.39
C HIS A 479 23.55 28.35 25.84
N TYR A 480 22.58 28.89 25.07
CA TYR A 480 21.18 28.65 25.34
C TYR A 480 20.87 27.21 24.94
N TYR A 481 21.14 26.88 23.67
CA TYR A 481 20.97 25.53 23.15
C TYR A 481 21.69 24.53 24.05
N ARG A 482 22.90 24.87 24.53
CA ARG A 482 23.61 24.02 25.47
C ARG A 482 22.67 23.64 26.60
N ARG A 483 22.04 24.66 27.18
CA ARG A 483 21.24 24.51 28.37
C ARG A 483 19.91 23.81 28.04
N LEU A 484 19.37 24.09 26.86
CA LEU A 484 18.20 23.38 26.36
C LEU A 484 18.49 21.89 26.33
N ILE A 485 19.73 21.53 25.94
CA ILE A 485 20.17 20.16 25.90
C ILE A 485 20.49 19.70 27.33
N ALA A 486 20.99 20.62 28.16
CA ALA A 486 21.42 20.29 29.51
C ALA A 486 20.22 19.93 30.40
N LEU A 487 19.15 20.73 30.35
CA LEU A 487 17.94 20.48 31.11
C LEU A 487 17.21 19.26 30.53
N ARG A 488 17.36 19.05 29.23
CA ARG A 488 16.74 17.94 28.53
C ARG A 488 17.19 16.62 29.16
N LYS A 489 18.48 16.54 29.53
CA LYS A 489 19.05 15.34 30.11
C LYS A 489 18.73 15.27 31.61
N GLN A 490 18.30 16.39 32.20
CA GLN A 490 18.13 16.51 33.65
C GLN A 490 16.67 16.51 34.06
N HIS A 491 15.74 16.42 33.10
CA HIS A 491 14.33 16.28 33.39
C HIS A 491 13.70 15.35 32.35
N ASP A 492 12.82 14.43 32.82
CA ASP A 492 12.21 13.44 31.96
C ASP A 492 10.97 14.02 31.28
N VAL A 493 10.41 15.08 31.89
CA VAL A 493 9.22 15.74 31.37
C VAL A 493 9.52 16.22 29.95
N ILE A 494 10.72 16.79 29.76
CA ILE A 494 11.12 17.40 28.51
C ILE A 494 11.08 16.37 27.38
N VAL A 495 11.56 15.16 27.64
CA VAL A 495 11.65 14.13 26.61
C VAL A 495 10.29 13.45 26.43
N TYR A 496 9.75 12.90 27.52
CA TYR A 496 8.67 11.92 27.46
C TYR A 496 7.32 12.53 27.81
N GLY A 497 7.32 13.72 28.43
CA GLY A 497 6.10 14.29 29.01
C GLY A 497 5.01 14.55 27.98
N ARG A 498 3.77 14.55 28.47
CA ARG A 498 2.57 14.74 27.66
C ARG A 498 2.56 16.15 27.09
N TYR A 499 1.80 16.37 26.00
CA TYR A 499 1.66 17.68 25.38
C TYR A 499 0.21 18.16 25.45
N GLU A 500 0.02 19.41 25.88
CA GLU A 500 -1.29 20.02 25.96
C GLU A 500 -1.13 21.54 25.86
N ALA A 501 -1.66 22.14 24.79
CA ALA A 501 -1.47 23.55 24.51
C ALA A 501 -2.45 24.41 25.31
N LEU A 502 -2.10 25.70 25.47
CA LEU A 502 -2.96 26.69 26.10
C LEU A 502 -3.07 27.89 25.14
N LEU A 503 -3.93 28.85 25.49
CA LEU A 503 -4.13 30.07 24.69
C LEU A 503 -3.85 29.75 23.22
N GLU A 504 -4.56 28.75 22.69
CA GLU A 504 -4.31 28.25 21.36
C GLU A 504 -4.67 29.31 20.32
N GLU A 505 -5.84 29.95 20.51
CA GLU A 505 -6.35 30.93 19.57
C GLU A 505 -5.39 32.11 19.41
N ASP A 506 -4.73 32.50 20.52
CA ASP A 506 -3.82 33.62 20.52
C ASP A 506 -2.83 33.49 19.36
N GLU A 507 -2.65 34.58 18.60
CA GLU A 507 -1.82 34.59 17.40
C GLU A 507 -0.45 35.21 17.66
N ARG A 508 -0.16 35.54 18.93
CA ARG A 508 1.10 36.19 19.27
C ARG A 508 1.88 35.38 20.31
N ILE A 509 1.17 34.61 21.14
CA ILE A 509 1.82 33.79 22.17
C ILE A 509 1.58 32.31 21.85
N TYR A 510 2.67 31.57 21.62
CA TYR A 510 2.65 30.11 21.57
C TYR A 510 2.94 29.59 22.98
N ALA A 511 1.90 29.10 23.67
CA ALA A 511 2.03 28.54 25.00
C ALA A 511 1.52 27.10 25.01
N TYR A 512 2.30 26.20 25.63
CA TYR A 512 1.91 24.82 25.83
C TYR A 512 2.42 24.34 27.18
N THR A 513 1.96 23.16 27.61
CA THR A 513 2.44 22.54 28.84
C THR A 513 2.93 21.12 28.54
N ARG A 514 4.10 20.80 29.08
CA ARG A 514 4.59 19.42 29.10
C ARG A 514 4.45 18.89 30.51
N MET A 515 3.70 17.79 30.66
CA MET A 515 3.50 17.16 31.96
C MET A 515 3.90 15.69 31.87
N LEU A 516 4.52 15.18 32.93
CA LEU A 516 4.86 13.76 33.04
C LEU A 516 4.75 13.35 34.50
N ASP A 517 4.00 12.28 34.76
CA ASP A 517 3.69 11.86 36.12
C ASP A 517 3.05 13.05 36.84
N GLY A 518 3.75 13.60 37.84
CA GLY A 518 3.27 14.76 38.58
C GLY A 518 3.93 16.05 38.09
N GLU A 519 4.98 15.93 37.26
CA GLU A 519 5.81 17.04 36.84
C GLU A 519 5.13 17.80 35.70
N ARG A 520 5.16 19.13 35.77
CA ARG A 520 4.57 20.00 34.76
C ARG A 520 5.62 20.98 34.24
N LEU A 521 5.40 21.48 33.01
CA LEU A 521 6.23 22.52 32.42
C LEU A 521 5.33 23.45 31.60
N LEU A 522 5.48 24.76 31.80
CA LEU A 522 4.70 25.78 31.10
C LEU A 522 5.61 26.55 30.14
N VAL A 523 5.50 26.27 28.84
CA VAL A 523 6.36 26.88 27.83
C VAL A 523 5.61 28.02 27.15
N VAL A 524 5.83 29.26 27.61
CA VAL A 524 5.21 30.44 27.02
C VAL A 524 6.21 31.10 26.08
N LEU A 525 5.77 31.36 24.83
CA LEU A 525 6.63 31.87 23.77
C LEU A 525 5.92 33.02 23.05
N ASN A 526 6.71 33.98 22.52
CA ASN A 526 6.19 35.13 21.80
C ASN A 526 6.85 35.23 20.42
N PHE A 527 6.05 35.05 19.36
CA PHE A 527 6.57 34.88 18.01
C PHE A 527 6.67 36.20 17.25
N PHE A 528 6.61 37.34 17.97
CA PHE A 528 6.73 38.64 17.33
C PHE A 528 7.61 39.55 18.19
N GLY A 529 7.93 40.73 17.65
CA GLY A 529 8.83 41.68 18.31
C GLY A 529 8.06 42.74 19.10
N GLU A 530 6.90 42.34 19.65
CA GLU A 530 6.05 43.24 20.42
C GLU A 530 5.85 42.64 21.81
N GLU A 531 5.92 43.50 22.84
CA GLU A 531 5.69 43.10 24.22
C GLU A 531 4.21 42.74 24.37
N ALA A 532 3.94 41.44 24.56
CA ALA A 532 2.56 40.92 24.52
C ALA A 532 2.01 40.78 25.93
N ASP A 533 0.73 40.38 26.00
CA ASP A 533 0.03 40.22 27.27
C ASP A 533 0.00 38.74 27.66
N CYS A 534 0.71 38.41 28.74
CA CYS A 534 0.76 37.05 29.25
C CYS A 534 -0.45 36.80 30.16
N SER A 535 -1.66 36.91 29.59
CA SER A 535 -2.88 36.67 30.33
C SER A 535 -3.08 35.17 30.52
N LEU A 536 -2.45 34.61 31.56
CA LEU A 536 -2.44 33.17 31.79
C LEU A 536 -3.83 32.72 32.22
N PRO A 537 -4.27 31.49 31.84
CA PRO A 537 -5.54 30.97 32.31
C PRO A 537 -5.46 30.47 33.76
N GLU A 538 -6.61 30.09 34.32
CA GLU A 538 -6.67 29.55 35.68
C GLU A 538 -6.55 28.03 35.64
N LYS A 539 -7.06 27.40 34.57
CA LYS A 539 -6.85 25.96 34.34
C LYS A 539 -5.41 25.61 34.68
N ILE A 540 -4.48 26.52 34.33
CA ILE A 540 -3.08 26.39 34.71
C ILE A 540 -2.86 27.16 36.00
N ARG A 541 -3.27 26.56 37.13
CA ARG A 541 -3.01 27.11 38.45
C ARG A 541 -1.53 26.89 38.77
N PHE A 542 -0.98 27.71 39.68
CA PHE A 542 0.39 27.53 40.15
C PHE A 542 0.56 28.19 41.51
N GLU A 543 1.43 27.59 42.34
CA GLU A 543 1.87 28.17 43.61
C GLU A 543 3.37 27.99 43.78
N SER A 544 4.06 27.61 42.69
CA SER A 544 5.49 27.38 42.69
C SER A 544 6.06 27.69 41.31
N ALA A 545 6.39 28.96 41.10
CA ALA A 545 7.05 29.41 39.88
C ALA A 545 8.53 29.03 39.93
N GLU A 546 9.01 28.35 38.88
CA GLU A 546 10.34 27.80 38.84
C GLU A 546 10.88 27.93 37.42
N PRO A 547 11.42 29.10 37.04
CA PRO A 547 11.88 29.32 35.67
C PRO A 547 13.17 28.56 35.37
N LEU A 548 13.03 27.39 34.74
CA LEU A 548 14.16 26.54 34.40
C LEU A 548 15.11 27.27 33.46
N ILE A 549 14.55 28.00 32.49
CA ILE A 549 15.35 28.77 31.54
C ILE A 549 14.52 29.96 31.06
N GLY A 550 15.21 31.00 30.57
CA GLY A 550 14.53 32.16 30.01
C GLY A 550 15.41 32.89 29.00
N ASN A 551 14.80 33.36 27.92
CA ASN A 551 15.49 34.12 26.89
C ASN A 551 16.19 35.30 27.56
N TYR A 552 15.40 36.09 28.30
CA TYR A 552 15.91 37.20 29.09
C TYR A 552 16.06 36.73 30.53
N GLY A 553 17.23 36.96 31.11
CA GLY A 553 17.49 36.60 32.50
C GLY A 553 16.89 37.61 33.45
N ARG A 561 2.85 39.57 38.25
CA ARG A 561 3.25 38.40 37.41
C ARG A 561 4.07 38.83 36.19
N SER A 562 4.31 40.14 36.02
CA SER A 562 5.09 40.66 34.90
C SER A 562 4.63 40.00 33.61
N LEU A 563 3.34 40.20 33.29
CA LEU A 563 2.74 39.63 32.09
C LEU A 563 3.36 40.28 30.86
N LYS A 564 4.16 41.32 31.09
CA LYS A 564 4.91 42.01 30.05
C LYS A 564 6.07 41.13 29.57
N LEU A 565 5.78 40.26 28.60
CA LEU A 565 6.78 39.40 28.00
C LEU A 565 7.53 40.17 26.93
N ARG A 566 8.86 40.16 27.00
CA ARG A 566 9.71 40.97 26.13
C ARG A 566 9.60 40.48 24.70
N PRO A 567 10.07 41.27 23.69
CA PRO A 567 10.02 40.84 22.30
C PRO A 567 10.72 39.51 22.05
N TYR A 568 10.16 38.69 21.16
CA TYR A 568 10.67 37.36 20.86
C TYR A 568 11.24 36.70 22.12
N GLU A 569 10.43 36.66 23.18
CA GLU A 569 10.85 36.07 24.45
C GLU A 569 10.30 34.65 24.56
N ALA A 570 10.96 33.81 25.37
CA ALA A 570 10.55 32.45 25.64
C ALA A 570 10.97 32.02 27.04
N LEU A 571 10.00 31.52 27.82
CA LEU A 571 10.23 31.07 29.18
C LEU A 571 9.59 29.70 29.39
N VAL A 572 10.34 28.78 30.01
CA VAL A 572 9.81 27.47 30.36
C VAL A 572 9.73 27.40 31.89
N LEU A 573 8.61 27.89 32.42
CA LEU A 573 8.34 27.85 33.84
C LEU A 573 7.96 26.43 34.24
N ARG A 574 8.61 25.89 35.28
CA ARG A 574 8.25 24.58 35.81
C ARG A 574 7.21 24.76 36.91
N LEU A 575 5.94 24.50 36.55
CA LEU A 575 4.81 24.64 37.46
C LEU A 575 4.97 23.65 38.62
N GLN A 576 5.40 22.42 38.29
CA GLN A 576 5.70 21.40 39.29
C GLN A 576 4.40 20.95 39.98
N MET B 20 3.17 -27.19 5.23
CA MET B 20 3.77 -26.32 6.27
C MET B 20 3.02 -26.52 7.59
N LYS B 21 1.91 -25.80 7.78
CA LYS B 21 1.08 -25.93 8.97
C LYS B 21 -0.23 -26.61 8.59
N ARG B 22 -0.91 -27.20 9.58
CA ARG B 22 -2.18 -27.89 9.35
C ARG B 22 -3.35 -27.06 9.87
N ALA B 23 -4.49 -27.17 9.18
CA ALA B 23 -5.72 -26.49 9.54
C ALA B 23 -6.89 -27.13 8.77
N TRP B 24 -8.11 -26.97 9.30
CA TRP B 24 -9.28 -27.65 8.76
C TRP B 24 -9.63 -27.14 7.36
N TRP B 25 -9.64 -25.80 7.20
CA TRP B 25 -9.99 -25.20 5.91
C TRP B 25 -9.05 -25.67 4.80
N LYS B 26 -7.87 -26.18 5.18
CA LYS B 26 -6.92 -26.73 4.22
C LYS B 26 -7.44 -28.06 3.68
N GLU B 27 -7.87 -28.96 4.57
CA GLU B 27 -8.42 -30.26 4.16
C GLU B 27 -9.95 -30.19 4.15
N SER B 28 -10.50 -29.09 3.63
CA SER B 28 -11.94 -28.88 3.57
C SER B 28 -12.39 -28.73 2.12
N VAL B 29 -13.63 -29.14 1.86
CA VAL B 29 -14.26 -28.98 0.56
C VAL B 29 -15.49 -28.09 0.71
N VAL B 30 -15.47 -26.95 0.00
CA VAL B 30 -16.54 -25.97 0.06
C VAL B 30 -17.47 -26.20 -1.12
N TYR B 31 -18.78 -26.20 -0.85
CA TYR B 31 -19.78 -26.28 -1.90
C TYR B 31 -20.47 -24.92 -2.00
N GLN B 32 -20.37 -24.29 -3.18
CA GLN B 32 -20.98 -22.99 -3.41
C GLN B 32 -22.45 -23.19 -3.75
N ILE B 33 -23.33 -22.47 -3.05
CA ILE B 33 -24.77 -22.51 -3.30
C ILE B 33 -25.23 -21.12 -3.72
N TYR B 34 -25.72 -21.02 -4.96
CA TYR B 34 -26.52 -19.87 -5.40
C TYR B 34 -27.94 -20.07 -4.90
N PRO B 35 -28.37 -19.36 -3.82
CA PRO B 35 -29.69 -19.59 -3.23
C PRO B 35 -30.85 -19.51 -4.22
N ARG B 36 -30.84 -18.45 -5.04
CA ARG B 36 -31.94 -18.14 -5.96
C ARG B 36 -32.38 -19.36 -6.76
N SER B 37 -31.43 -20.20 -7.21
CA SER B 37 -31.74 -21.33 -8.05
C SER B 37 -31.19 -22.63 -7.46
N PHE B 38 -31.42 -22.84 -6.16
CA PHE B 38 -31.03 -24.08 -5.50
C PHE B 38 -32.29 -24.93 -5.28
N GLN B 39 -33.17 -24.48 -4.37
CA GLN B 39 -34.42 -25.18 -4.11
C GLN B 39 -35.46 -24.18 -3.62
N ASP B 40 -36.65 -24.26 -4.23
CA ASP B 40 -37.77 -23.39 -3.91
C ASP B 40 -38.81 -24.18 -3.12
N SER B 41 -39.32 -23.59 -2.04
CA SER B 41 -40.24 -24.26 -1.14
C SER B 41 -41.52 -23.45 -0.93
N ASN B 42 -41.81 -22.51 -1.85
CA ASN B 42 -43.08 -21.79 -1.81
C ASN B 42 -43.54 -21.46 -3.23
N GLY B 43 -43.05 -22.21 -4.22
CA GLY B 43 -43.55 -22.12 -5.59
C GLY B 43 -43.37 -20.74 -6.22
N ASP B 44 -42.55 -19.88 -5.59
CA ASP B 44 -42.35 -18.52 -6.06
C ASP B 44 -41.46 -18.52 -7.29
N GLY B 45 -40.59 -19.53 -7.40
CA GLY B 45 -39.56 -19.58 -8.43
C GLY B 45 -38.19 -19.23 -7.86
N ILE B 46 -38.17 -18.20 -7.00
CA ILE B 46 -36.96 -17.79 -6.30
C ILE B 46 -36.64 -18.85 -5.25
N GLY B 47 -35.40 -19.36 -5.30
CA GLY B 47 -34.94 -20.36 -4.35
C GLY B 47 -34.81 -19.78 -2.94
N ASP B 48 -35.15 -20.58 -1.93
CA ASP B 48 -35.22 -20.14 -0.54
C ASP B 48 -34.15 -20.85 0.27
N ILE B 49 -33.80 -20.28 1.42
CA ILE B 49 -32.94 -20.93 2.40
C ILE B 49 -33.60 -22.21 2.89
N PRO B 50 -34.88 -22.20 3.35
CA PRO B 50 -35.57 -23.41 3.75
C PRO B 50 -35.52 -24.52 2.69
N GLY B 51 -35.48 -24.11 1.41
CA GLY B 51 -35.27 -25.04 0.31
C GLY B 51 -33.89 -25.70 0.39
N ILE B 52 -32.88 -24.94 0.83
CA ILE B 52 -31.54 -25.47 1.02
C ILE B 52 -31.57 -26.52 2.11
N VAL B 53 -32.37 -26.26 3.16
CA VAL B 53 -32.48 -27.15 4.30
C VAL B 53 -33.05 -28.48 3.82
N SER B 54 -34.08 -28.41 2.97
CA SER B 54 -34.73 -29.59 2.41
C SER B 54 -33.72 -30.51 1.73
N ARG B 55 -32.76 -29.91 0.99
CA ARG B 55 -31.82 -30.66 0.16
C ARG B 55 -30.49 -30.91 0.86
N LEU B 56 -30.44 -30.75 2.19
CA LEU B 56 -29.18 -30.76 2.92
C LEU B 56 -28.59 -32.17 2.96
N ASP B 57 -29.44 -33.19 2.83
CA ASP B 57 -29.00 -34.58 2.84
C ASP B 57 -28.18 -34.91 1.59
N TYR B 58 -28.42 -34.17 0.50
CA TYR B 58 -27.70 -34.36 -0.74
C TYR B 58 -26.22 -34.06 -0.55
N LEU B 59 -25.92 -32.94 0.13
CA LEU B 59 -24.57 -32.42 0.24
C LEU B 59 -23.76 -33.31 1.18
N GLN B 60 -24.40 -33.75 2.27
CA GLN B 60 -23.78 -34.62 3.26
C GLN B 60 -23.37 -35.94 2.60
N GLU B 61 -24.25 -36.46 1.74
CA GLU B 61 -23.98 -37.68 0.99
C GLU B 61 -22.72 -37.47 0.14
N LEU B 62 -22.67 -36.36 -0.60
CA LEU B 62 -21.57 -36.06 -1.50
C LEU B 62 -20.24 -36.08 -0.73
N GLY B 63 -20.25 -35.49 0.46
CA GLY B 63 -19.06 -35.43 1.30
C GLY B 63 -18.60 -33.99 1.57
N VAL B 64 -19.36 -33.02 1.04
CA VAL B 64 -19.10 -31.60 1.25
C VAL B 64 -18.95 -31.31 2.74
N ASP B 65 -17.89 -30.56 3.08
CA ASP B 65 -17.54 -30.26 4.46
C ASP B 65 -18.02 -28.85 4.83
N VAL B 66 -17.89 -27.90 3.89
CA VAL B 66 -18.26 -26.51 4.12
C VAL B 66 -19.23 -26.07 3.03
N VAL B 67 -20.21 -25.23 3.42
CA VAL B 67 -21.21 -24.71 2.48
C VAL B 67 -21.09 -23.20 2.40
N TRP B 68 -20.93 -22.70 1.17
CA TRP B 68 -20.84 -21.27 0.90
C TRP B 68 -22.08 -20.82 0.13
N LEU B 69 -23.03 -20.22 0.86
CA LEU B 69 -24.19 -19.60 0.25
C LEU B 69 -23.75 -18.25 -0.31
N CYS B 70 -24.14 -17.97 -1.57
CA CYS B 70 -23.98 -16.65 -2.14
C CYS B 70 -24.87 -15.67 -1.36
N PRO B 71 -24.73 -14.34 -1.56
CA PRO B 71 -25.37 -13.37 -0.67
C PRO B 71 -26.84 -13.69 -0.39
N VAL B 72 -27.22 -13.65 0.89
CA VAL B 72 -28.59 -13.96 1.29
C VAL B 72 -29.13 -12.84 2.19
N TYR B 73 -28.86 -11.59 1.80
CA TYR B 73 -29.17 -10.42 2.62
C TYR B 73 -30.15 -9.51 1.89
N ASP B 74 -30.77 -8.61 2.65
CA ASP B 74 -31.78 -7.69 2.12
C ASP B 74 -31.19 -6.87 0.98
N SER B 75 -31.82 -6.97 -0.20
CA SER B 75 -31.29 -6.39 -1.42
C SER B 75 -32.42 -5.97 -2.36
N PRO B 76 -32.26 -4.88 -3.16
CA PRO B 76 -33.12 -4.62 -4.30
C PRO B 76 -33.07 -5.74 -5.35
N ASN B 77 -31.99 -6.55 -5.30
CA ASN B 77 -31.78 -7.68 -6.18
C ASN B 77 -31.40 -7.19 -7.58
N ASP B 78 -30.69 -6.06 -7.64
CA ASP B 78 -30.16 -5.52 -8.89
C ASP B 78 -29.06 -6.44 -9.42
N ASP B 79 -28.04 -6.69 -8.59
CA ASP B 79 -26.99 -7.65 -8.91
C ASP B 79 -27.17 -8.93 -8.09
N ASN B 80 -28.42 -9.17 -7.63
CA ASN B 80 -28.81 -10.43 -7.02
C ASN B 80 -28.04 -10.67 -5.72
N GLY B 81 -28.25 -9.79 -4.74
CA GLY B 81 -27.68 -9.98 -3.40
C GLY B 81 -26.42 -9.16 -3.17
N TYR B 82 -25.72 -8.79 -4.27
CA TYR B 82 -24.49 -8.02 -4.19
C TYR B 82 -24.81 -6.52 -4.13
N ASP B 83 -26.08 -6.19 -3.87
CA ASP B 83 -26.50 -4.82 -3.59
C ASP B 83 -27.34 -4.84 -2.32
N ILE B 84 -26.73 -4.51 -1.18
CA ILE B 84 -27.35 -4.79 0.11
C ILE B 84 -27.91 -3.49 0.69
N ARG B 85 -29.23 -3.50 0.94
CA ARG B 85 -29.95 -2.37 1.50
C ARG B 85 -29.86 -2.41 3.02
N ASP B 86 -29.90 -3.63 3.58
CA ASP B 86 -29.65 -3.85 5.00
C ASP B 86 -28.82 -5.12 5.19
N TYR B 87 -27.75 -4.99 5.98
CA TYR B 87 -26.77 -6.05 6.18
C TYR B 87 -27.26 -7.03 7.24
N ARG B 88 -28.16 -6.57 8.12
CA ARG B 88 -28.54 -7.31 9.31
C ARG B 88 -29.89 -8.00 9.12
N ARG B 89 -30.33 -8.15 7.86
CA ARG B 89 -31.65 -8.71 7.56
C ARG B 89 -31.53 -9.67 6.39
N ILE B 90 -32.20 -10.82 6.51
CA ILE B 90 -32.23 -11.82 5.45
C ILE B 90 -33.22 -11.37 4.37
N MET B 91 -32.82 -11.55 3.10
CA MET B 91 -33.60 -11.16 1.95
C MET B 91 -34.99 -11.80 2.02
N ASP B 92 -36.03 -10.96 1.93
CA ASP B 92 -37.40 -11.41 2.09
C ASP B 92 -37.69 -12.65 1.25
N GLU B 93 -37.13 -12.69 0.04
CA GLU B 93 -37.44 -13.75 -0.91
C GLU B 93 -36.86 -15.09 -0.46
N PHE B 94 -35.80 -15.06 0.36
CA PHE B 94 -35.09 -16.27 0.75
C PHE B 94 -35.71 -16.89 1.99
N GLY B 95 -36.21 -16.06 2.92
CA GLY B 95 -36.89 -16.56 4.12
C GLY B 95 -36.83 -15.54 5.26
N THR B 96 -36.60 -16.05 6.47
CA THR B 96 -36.37 -15.20 7.64
C THR B 96 -35.10 -15.67 8.33
N LEU B 97 -34.61 -14.87 9.29
CA LEU B 97 -33.37 -15.17 10.01
C LEU B 97 -33.45 -16.56 10.63
N GLU B 98 -34.65 -16.97 11.07
CA GLU B 98 -34.86 -18.27 11.67
C GLU B 98 -34.59 -19.38 10.66
N ASP B 99 -35.26 -19.31 9.51
CA ASP B 99 -35.04 -20.26 8.42
C ASP B 99 -33.54 -20.40 8.16
N TRP B 100 -32.82 -19.27 8.24
CA TRP B 100 -31.38 -19.23 8.10
C TRP B 100 -30.71 -19.93 9.28
N GLU B 101 -31.14 -19.59 10.50
CA GLU B 101 -30.57 -20.16 11.72
C GLU B 101 -30.65 -21.68 11.69
N ARG B 102 -31.75 -22.22 11.14
CA ARG B 102 -31.95 -23.66 11.03
C ARG B 102 -30.82 -24.28 10.21
N LEU B 103 -30.51 -23.65 9.07
CA LEU B 103 -29.48 -24.17 8.17
C LEU B 103 -28.15 -24.26 8.92
N LEU B 104 -27.81 -23.21 9.67
CA LEU B 104 -26.59 -23.18 10.46
C LEU B 104 -26.60 -24.36 11.44
N GLU B 105 -27.72 -24.51 12.17
CA GLU B 105 -27.85 -25.55 13.18
C GLU B 105 -27.74 -26.93 12.55
N ASP B 106 -28.60 -27.20 11.56
CA ASP B 106 -28.59 -28.46 10.82
C ASP B 106 -27.17 -28.77 10.31
N LEU B 107 -26.53 -27.79 9.66
CA LEU B 107 -25.19 -27.96 9.12
C LEU B 107 -24.20 -28.24 10.26
N HIS B 108 -24.25 -27.43 11.31
CA HIS B 108 -23.37 -27.63 12.46
C HIS B 108 -23.66 -28.98 13.12
N ALA B 109 -24.89 -29.50 12.93
CA ALA B 109 -25.33 -30.75 13.51
C ALA B 109 -25.00 -31.93 12.59
N ARG B 110 -24.85 -31.66 11.27
CA ARG B 110 -24.42 -32.66 10.32
C ARG B 110 -22.89 -32.70 10.26
N GLY B 111 -22.23 -31.85 11.06
CA GLY B 111 -20.78 -31.79 11.14
C GLY B 111 -20.18 -30.85 10.10
N MET B 112 -21.03 -29.94 9.58
CA MET B 112 -20.68 -29.12 8.44
C MET B 112 -20.61 -27.65 8.86
N LYS B 113 -20.24 -26.79 7.92
CA LYS B 113 -19.94 -25.39 8.21
C LYS B 113 -20.64 -24.47 7.19
N LEU B 114 -20.78 -23.20 7.56
CA LEU B 114 -21.44 -22.21 6.71
C LEU B 114 -20.47 -21.06 6.45
N ILE B 115 -20.37 -20.64 5.18
CA ILE B 115 -19.58 -19.48 4.79
C ILE B 115 -20.56 -18.39 4.32
N MET B 116 -20.20 -17.13 4.58
CA MET B 116 -21.07 -16.00 4.28
C MET B 116 -20.37 -15.09 3.27
N ASP B 117 -21.17 -14.41 2.44
CA ASP B 117 -20.64 -13.49 1.45
C ASP B 117 -20.49 -12.12 2.10
N LEU B 118 -19.30 -11.53 1.98
CA LEU B 118 -19.02 -10.22 2.57
C LEU B 118 -18.89 -9.19 1.46
N VAL B 119 -20.04 -8.61 1.09
CA VAL B 119 -20.10 -7.56 0.08
C VAL B 119 -19.93 -6.23 0.82
N VAL B 120 -18.68 -5.79 0.96
CA VAL B 120 -18.40 -4.58 1.73
C VAL B 120 -17.89 -3.47 0.82
N ASN B 121 -17.47 -3.81 -0.40
CA ASN B 121 -16.93 -2.82 -1.31
C ASN B 121 -18.03 -1.83 -1.70
N HIS B 122 -19.22 -2.35 -1.97
CA HIS B 122 -20.32 -1.54 -2.48
C HIS B 122 -21.58 -1.80 -1.66
N SER B 123 -22.26 -0.71 -1.27
CA SER B 123 -23.53 -0.79 -0.57
C SER B 123 -24.66 -0.76 -1.60
N SER B 124 -25.88 -0.41 -1.15
CA SER B 124 -27.00 -0.19 -2.05
C SER B 124 -27.40 1.29 -2.00
N ASP B 125 -28.12 1.75 -3.03
CA ASP B 125 -28.66 3.09 -3.06
C ASP B 125 -29.74 3.23 -2.00
N GLU B 126 -30.42 2.10 -1.72
CA GLU B 126 -31.52 2.06 -0.79
C GLU B 126 -31.03 1.92 0.65
N HIS B 127 -29.71 1.76 0.85
CA HIS B 127 -29.14 1.64 2.18
C HIS B 127 -29.32 2.96 2.93
N ALA B 128 -29.37 2.87 4.27
CA ALA B 128 -29.58 4.02 5.13
C ALA B 128 -28.55 5.12 4.85
N TRP B 129 -27.31 4.72 4.55
CA TRP B 129 -26.20 5.66 4.39
C TRP B 129 -26.36 6.49 3.12
N PHE B 130 -26.44 5.82 1.96
CA PHE B 130 -26.48 6.50 0.67
C PHE B 130 -27.62 7.51 0.64
N SER B 131 -28.77 7.10 1.19
CA SER B 131 -29.94 7.94 1.30
C SER B 131 -29.69 9.15 2.21
N GLU B 132 -28.65 9.05 3.06
CA GLU B 132 -28.21 10.16 3.89
C GLU B 132 -27.03 10.90 3.23
N SER B 133 -26.21 10.17 2.46
CA SER B 133 -25.06 10.73 1.78
C SER B 133 -25.51 11.78 0.76
N ARG B 134 -26.39 11.35 -0.17
CA ARG B 134 -26.88 12.17 -1.27
C ARG B 134 -27.66 13.39 -0.77
N LYS B 135 -28.13 13.34 0.49
CA LYS B 135 -28.93 14.42 1.04
C LYS B 135 -28.21 15.76 0.90
N SER B 136 -26.93 15.82 1.31
CA SER B 136 -26.22 17.09 1.33
C SER B 136 -24.70 16.90 1.41
N ARG B 137 -23.99 18.02 1.34
CA ARG B 137 -22.53 18.06 1.44
C ARG B 137 -22.09 18.25 2.89
N ASP B 138 -23.03 18.24 3.84
CA ASP B 138 -22.75 18.53 5.24
C ASP B 138 -22.85 17.28 6.13
N GLY B 139 -23.71 16.32 5.76
CA GLY B 139 -23.97 15.17 6.60
C GLY B 139 -22.76 14.25 6.69
N GLU B 140 -22.66 13.50 7.80
CA GLU B 140 -21.51 12.64 8.05
C GLU B 140 -21.43 11.54 6.99
N HIS B 141 -22.58 11.14 6.45
CA HIS B 141 -22.68 10.02 5.54
C HIS B 141 -22.17 10.38 4.14
N ARG B 142 -21.82 11.65 3.92
CA ARG B 142 -21.39 12.13 2.62
C ARG B 142 -20.07 11.46 2.22
N ASP B 143 -19.20 11.19 3.20
CA ASP B 143 -17.87 10.66 2.93
C ASP B 143 -17.84 9.15 3.18
N TYR B 144 -19.02 8.53 3.33
CA TYR B 144 -19.13 7.08 3.40
C TYR B 144 -18.97 6.48 2.00
N TYR B 145 -19.22 7.29 0.97
CA TYR B 145 -19.08 6.87 -0.42
C TYR B 145 -18.08 7.79 -1.12
N ILE B 146 -17.67 7.41 -2.34
CA ILE B 146 -16.74 8.21 -3.11
C ILE B 146 -17.53 9.14 -4.03
N TRP B 147 -17.86 10.33 -3.50
CA TRP B 147 -18.44 11.44 -4.27
C TRP B 147 -17.32 12.39 -4.70
N ARG B 148 -17.29 12.74 -5.99
CA ARG B 148 -16.29 13.66 -6.53
C ARG B 148 -16.93 14.59 -7.55
N ASP B 149 -16.23 15.69 -7.85
CA ASP B 149 -16.68 16.69 -8.81
C ASP B 149 -16.26 16.22 -10.21
N GLY B 150 -17.06 16.60 -11.22
CA GLY B 150 -16.79 16.21 -12.59
C GLY B 150 -15.59 16.97 -13.17
N LYS B 151 -15.10 16.49 -14.32
CA LYS B 151 -13.90 17.04 -14.95
C LYS B 151 -14.19 17.27 -16.45
N ALA B 154 -18.47 17.35 -17.50
CA ALA B 154 -18.11 15.94 -17.82
C ALA B 154 -18.02 15.12 -16.53
N GLU B 155 -17.34 13.97 -16.61
CA GLU B 155 -17.25 13.05 -15.48
C GLU B 155 -15.86 13.16 -14.83
N PRO B 156 -15.72 12.72 -13.56
CA PRO B 156 -14.42 12.68 -12.88
C PRO B 156 -13.30 11.97 -13.63
N ASN B 157 -13.55 10.73 -14.09
CA ASN B 157 -12.51 9.97 -14.79
C ASN B 157 -13.12 9.13 -15.90
N ASN B 158 -12.25 8.66 -16.81
CA ASN B 158 -12.66 7.84 -17.95
C ASN B 158 -12.75 6.37 -17.53
N TRP B 159 -12.91 6.12 -16.21
CA TRP B 159 -13.15 4.78 -15.71
C TRP B 159 -14.53 4.30 -16.17
N SER B 160 -14.65 2.99 -16.37
CA SER B 160 -15.88 2.37 -16.83
C SER B 160 -16.35 1.33 -15.82
N SER B 161 -17.67 1.14 -15.74
CA SER B 161 -18.27 0.14 -14.88
C SER B 161 -18.09 -1.26 -15.48
N PHE B 162 -18.31 -2.28 -14.66
CA PHE B 162 -18.07 -3.66 -15.05
C PHE B 162 -19.21 -4.19 -15.92
N PHE B 163 -20.42 -3.66 -15.72
CA PHE B 163 -21.58 -4.09 -16.49
C PHE B 163 -21.60 -3.32 -17.81
N SER B 164 -21.69 -1.99 -17.72
CA SER B 164 -21.66 -1.13 -18.89
C SER B 164 -21.49 0.33 -18.47
N GLY B 165 -20.99 1.15 -19.41
CA GLY B 165 -20.99 2.59 -19.24
C GLY B 165 -19.94 3.06 -18.25
N SER B 166 -20.16 4.24 -17.67
CA SER B 166 -19.20 4.87 -16.78
C SER B 166 -19.27 4.27 -15.38
N ALA B 167 -18.32 4.68 -14.54
CA ALA B 167 -18.28 4.27 -13.14
C ALA B 167 -18.60 5.48 -12.24
N TRP B 168 -19.38 6.43 -12.79
CA TRP B 168 -19.80 7.61 -12.06
C TRP B 168 -21.22 7.98 -12.46
N LYS B 169 -22.10 8.19 -11.48
CA LYS B 169 -23.46 8.65 -11.76
C LYS B 169 -23.69 9.98 -11.05
N TYR B 170 -24.37 10.90 -11.74
CA TYR B 170 -24.52 12.28 -11.31
C TYR B 170 -25.77 12.42 -10.45
N ASP B 171 -25.69 13.27 -9.42
CA ASP B 171 -26.83 13.62 -8.58
C ASP B 171 -26.93 15.14 -8.56
N GLY B 172 -28.12 15.66 -8.90
CA GLY B 172 -28.36 17.09 -8.93
C GLY B 172 -28.43 17.69 -7.53
N GLU B 173 -29.01 16.93 -6.58
CA GLU B 173 -29.17 17.38 -5.21
C GLU B 173 -27.82 17.86 -4.67
N THR B 174 -26.74 17.19 -5.06
CA THR B 174 -25.40 17.54 -4.61
C THR B 174 -24.52 18.05 -5.76
N ASP B 175 -25.01 17.92 -7.01
CA ASP B 175 -24.30 18.42 -8.18
C ASP B 175 -22.91 17.80 -8.24
N GLN B 176 -22.84 16.46 -8.13
CA GLN B 176 -21.58 15.73 -8.19
C GLN B 176 -21.86 14.28 -8.58
N TYR B 177 -20.79 13.54 -8.90
CA TYR B 177 -20.90 12.15 -9.33
C TYR B 177 -20.54 11.24 -8.16
N TYR B 178 -20.99 9.98 -8.22
CA TYR B 178 -20.65 8.98 -7.21
C TYR B 178 -20.10 7.73 -7.89
N LEU B 179 -19.08 7.12 -7.27
CA LEU B 179 -18.35 6.01 -7.87
C LEU B 179 -19.23 4.75 -7.83
N HIS B 180 -19.52 4.18 -9.01
CA HIS B 180 -20.31 2.96 -9.10
C HIS B 180 -19.62 2.03 -10.09
N LEU B 181 -18.58 1.33 -9.61
CA LEU B 181 -17.77 0.48 -10.45
C LEU B 181 -18.61 -0.66 -11.02
N PHE B 182 -19.51 -1.23 -10.21
CA PHE B 182 -20.28 -2.38 -10.63
C PHE B 182 -21.58 -1.91 -11.28
N SER B 183 -22.47 -1.27 -10.50
CA SER B 183 -23.76 -0.82 -11.01
C SER B 183 -24.19 0.47 -10.33
N SER B 184 -25.12 1.19 -10.97
CA SER B 184 -25.67 2.41 -10.40
C SER B 184 -26.43 2.12 -9.11
N LYS B 185 -26.75 0.82 -8.86
CA LYS B 185 -27.40 0.40 -7.64
C LYS B 185 -26.41 -0.29 -6.70
N GLN B 186 -25.11 -0.11 -6.95
CA GLN B 186 -24.05 -0.61 -6.07
C GLN B 186 -23.04 0.49 -5.80
N PRO B 187 -23.42 1.55 -5.03
CA PRO B 187 -22.50 2.64 -4.75
C PRO B 187 -21.30 2.18 -3.92
N ASP B 188 -20.09 2.45 -4.44
CA ASP B 188 -18.84 2.01 -3.81
C ASP B 188 -18.63 2.77 -2.50
N LEU B 189 -18.03 2.08 -1.52
CA LEU B 189 -17.86 2.61 -0.18
C LEU B 189 -16.44 3.15 0.01
N ASN B 190 -16.35 4.22 0.80
CA ASN B 190 -15.12 4.95 1.06
C ASN B 190 -14.36 4.26 2.19
N TRP B 191 -13.31 3.50 1.85
CA TRP B 191 -12.59 2.74 2.87
C TRP B 191 -11.48 3.57 3.50
N GLU B 192 -11.36 4.85 3.11
CA GLU B 192 -10.43 5.77 3.74
C GLU B 192 -11.12 6.49 4.90
N ASN B 193 -12.36 6.09 5.20
CA ASN B 193 -13.10 6.57 6.36
C ASN B 193 -13.10 5.46 7.40
N GLY B 194 -12.81 5.81 8.65
CA GLY B 194 -12.84 4.85 9.75
C GLY B 194 -14.27 4.39 10.01
N LYS B 195 -15.21 5.35 10.04
CA LYS B 195 -16.61 5.09 10.31
C LYS B 195 -17.14 4.02 9.37
N VAL B 196 -16.75 4.09 8.09
CA VAL B 196 -17.10 3.07 7.12
C VAL B 196 -16.54 1.73 7.61
N ARG B 197 -15.21 1.68 7.76
CA ARG B 197 -14.52 0.46 8.13
C ARG B 197 -15.02 -0.08 9.46
N ARG B 198 -15.16 0.81 10.45
CA ARG B 198 -15.59 0.42 11.79
C ARG B 198 -16.96 -0.26 11.74
N GLU B 199 -17.85 0.24 10.89
CA GLU B 199 -19.18 -0.31 10.73
C GLU B 199 -19.13 -1.64 10.00
N VAL B 200 -18.19 -1.76 9.06
CA VAL B 200 -17.96 -3.02 8.36
C VAL B 200 -17.67 -4.10 9.40
N TYR B 201 -16.87 -3.77 10.41
CA TYR B 201 -16.40 -4.75 11.38
C TYR B 201 -17.56 -5.19 12.28
N ASN B 202 -18.46 -4.25 12.58
CA ASN B 202 -19.57 -4.52 13.47
C ASN B 202 -20.48 -5.59 12.87
N MET B 203 -20.95 -5.38 11.62
CA MET B 203 -21.81 -6.35 10.97
C MET B 203 -21.09 -7.70 10.90
N MET B 204 -19.77 -7.69 10.66
CA MET B 204 -19.01 -8.92 10.55
C MET B 204 -19.12 -9.66 11.88
N ALA B 205 -18.86 -8.92 12.96
CA ALA B 205 -18.98 -9.45 14.31
C ALA B 205 -20.42 -9.87 14.59
N TRP B 206 -21.38 -9.10 14.08
CA TRP B 206 -22.79 -9.41 14.27
C TRP B 206 -23.06 -10.84 13.79
N TRP B 207 -22.59 -11.18 12.59
CA TRP B 207 -22.79 -12.51 12.04
C TRP B 207 -21.85 -13.52 12.70
N LEU B 208 -20.59 -13.12 12.93
CA LEU B 208 -19.58 -13.99 13.53
C LEU B 208 -19.98 -14.36 14.96
N ASP B 209 -20.67 -13.44 15.65
CA ASP B 209 -21.19 -13.71 16.99
C ASP B 209 -22.19 -14.87 16.96
N LYS B 210 -22.81 -15.12 15.80
CA LYS B 210 -23.85 -16.12 15.68
C LYS B 210 -23.27 -17.50 15.37
N GLY B 211 -22.03 -17.55 14.84
CA GLY B 211 -21.31 -18.80 14.71
C GLY B 211 -21.06 -19.21 13.26
N ILE B 212 -21.22 -18.29 12.31
CA ILE B 212 -20.85 -18.56 10.92
C ILE B 212 -19.37 -18.99 10.89
N ASP B 213 -19.08 -20.03 10.10
CA ASP B 213 -17.77 -20.64 10.14
C ASP B 213 -16.90 -20.14 8.99
N GLY B 214 -17.03 -18.84 8.66
CA GLY B 214 -16.16 -18.23 7.66
C GLY B 214 -16.82 -17.04 6.96
N PHE B 215 -16.02 -16.38 6.12
CA PHE B 215 -16.46 -15.21 5.37
C PHE B 215 -15.79 -15.20 4.00
N ARG B 216 -16.59 -15.42 2.95
CA ARG B 216 -16.20 -15.18 1.56
C ARG B 216 -16.41 -13.71 1.25
N MET B 217 -15.32 -12.98 0.94
CA MET B 217 -15.39 -11.54 0.80
C MET B 217 -15.40 -11.13 -0.67
N ASP B 218 -16.23 -10.12 -0.96
CA ASP B 218 -16.52 -9.71 -2.32
C ASP B 218 -15.61 -8.55 -2.71
N VAL B 219 -14.93 -8.71 -3.86
CA VAL B 219 -13.96 -7.77 -4.39
C VAL B 219 -13.20 -7.10 -3.24
N ILE B 220 -12.40 -7.89 -2.54
CA ILE B 220 -11.65 -7.40 -1.40
C ILE B 220 -10.57 -6.42 -1.85
N ASN B 221 -9.92 -6.71 -2.97
CA ASN B 221 -8.81 -5.86 -3.42
C ASN B 221 -9.33 -4.58 -4.07
N LEU B 222 -10.66 -4.47 -4.27
CA LEU B 222 -11.28 -3.29 -4.86
C LEU B 222 -11.80 -2.35 -3.78
N ILE B 223 -11.29 -2.50 -2.54
CA ILE B 223 -11.76 -1.69 -1.42
C ILE B 223 -11.01 -0.36 -1.37
N SER B 224 -9.75 -0.34 -1.83
CA SER B 224 -8.91 0.86 -1.75
C SER B 224 -8.62 1.39 -3.16
N LYS B 225 -8.85 2.70 -3.35
CA LYS B 225 -8.59 3.38 -4.61
C LYS B 225 -7.44 4.36 -4.44
N VAL B 226 -6.62 4.50 -5.50
CA VAL B 226 -5.54 5.48 -5.52
C VAL B 226 -6.08 6.84 -5.07
N PRO B 227 -5.39 7.53 -4.14
CA PRO B 227 -5.95 8.69 -3.45
C PRO B 227 -6.43 9.83 -4.36
N GLY B 228 -5.78 10.01 -5.51
CA GLY B 228 -6.07 11.13 -6.39
C GLY B 228 -7.13 10.81 -7.45
N LEU B 229 -7.85 9.69 -7.27
CA LEU B 229 -8.84 9.22 -8.23
C LEU B 229 -8.40 9.58 -9.64
N PRO B 230 -7.40 8.86 -10.21
CA PRO B 230 -6.88 9.17 -11.54
C PRO B 230 -7.87 8.88 -12.67
N ASP B 231 -7.70 9.60 -13.79
CA ASP B 231 -8.23 9.14 -15.06
C ASP B 231 -7.37 7.97 -15.54
N ALA B 232 -7.91 7.14 -16.43
CA ALA B 232 -7.27 5.89 -16.81
C ALA B 232 -6.43 6.08 -18.07
N TYR B 238 -14.44 5.66 -22.30
CA TYR B 238 -14.57 4.85 -21.05
C TYR B 238 -13.62 3.66 -21.14
N ARG B 239 -12.95 3.35 -20.02
CA ARG B 239 -11.90 2.34 -20.00
C ARG B 239 -11.70 1.86 -18.55
N SER B 240 -10.90 0.80 -18.39
CA SER B 240 -10.68 0.16 -17.10
C SER B 240 -9.75 1.00 -16.22
N GLY B 241 -10.23 1.33 -15.02
CA GLY B 241 -9.41 1.95 -13.99
C GLY B 241 -8.88 0.90 -13.01
N ALA B 242 -8.55 -0.30 -13.52
CA ALA B 242 -8.11 -1.42 -12.71
C ALA B 242 -6.82 -1.09 -11.96
N ASP B 243 -5.99 -0.23 -12.55
CA ASP B 243 -4.69 0.11 -12.00
C ASP B 243 -4.80 0.75 -10.61
N TYR B 244 -6.00 1.25 -10.25
CA TYR B 244 -6.14 2.10 -9.07
C TYR B 244 -7.11 1.48 -8.07
N PHE B 245 -8.26 0.98 -8.55
CA PHE B 245 -9.22 0.34 -7.65
C PHE B 245 -8.72 -1.07 -7.33
N MET B 246 -8.14 -1.77 -8.32
CA MET B 246 -7.72 -3.15 -8.14
C MET B 246 -6.35 -3.17 -7.45
N ASN B 247 -6.14 -4.17 -6.57
CA ASN B 247 -4.92 -4.34 -5.79
C ASN B 247 -4.42 -3.00 -5.27
N GLY B 248 -5.32 -2.20 -4.68
CA GLY B 248 -5.06 -0.80 -4.42
C GLY B 248 -3.96 -0.59 -3.38
N PRO B 249 -3.84 0.64 -2.81
CA PRO B 249 -2.75 0.98 -1.91
C PRO B 249 -2.96 0.67 -0.43
N ARG B 250 -4.20 0.38 -0.01
CA ARG B 250 -4.49 0.19 1.41
C ARG B 250 -5.31 -1.07 1.64
N VAL B 251 -5.19 -2.05 0.74
CA VAL B 251 -5.91 -3.31 0.89
C VAL B 251 -5.32 -4.03 2.10
N HIS B 252 -4.01 -4.31 1.99
CA HIS B 252 -3.26 -5.04 3.00
C HIS B 252 -3.29 -4.29 4.34
N GLU B 253 -3.42 -2.95 4.27
CA GLU B 253 -3.53 -2.12 5.46
C GLU B 253 -4.82 -2.45 6.21
N TYR B 254 -5.93 -2.52 5.46
CA TYR B 254 -7.26 -2.67 6.03
C TYR B 254 -7.49 -4.11 6.47
N LEU B 255 -7.12 -5.07 5.61
CA LEU B 255 -7.34 -6.48 5.89
C LEU B 255 -6.68 -6.87 7.21
N GLN B 256 -5.46 -6.37 7.44
CA GLN B 256 -4.76 -6.60 8.70
C GLN B 256 -5.62 -6.02 9.84
N GLU B 257 -6.14 -4.81 9.64
CA GLU B 257 -7.01 -4.19 10.64
C GLU B 257 -8.23 -5.09 10.88
N MET B 258 -8.93 -5.45 9.80
CA MET B 258 -10.10 -6.30 9.86
C MET B 258 -9.75 -7.60 10.59
N ASN B 259 -8.69 -8.27 10.13
CA ASN B 259 -8.24 -9.50 10.78
C ASN B 259 -8.04 -9.22 12.27
N ARG B 260 -7.25 -8.18 12.56
CA ARG B 260 -6.95 -7.83 13.94
C ARG B 260 -8.23 -7.59 14.72
N GLU B 261 -9.11 -6.74 14.16
CA GLU B 261 -10.27 -6.27 14.89
C GLU B 261 -11.34 -7.35 15.04
N VAL B 262 -11.53 -8.22 14.03
CA VAL B 262 -12.61 -9.18 14.10
C VAL B 262 -12.14 -10.60 13.76
N LEU B 263 -11.51 -10.82 12.60
CA LEU B 263 -11.26 -12.17 12.11
C LEU B 263 -10.42 -13.00 13.07
N SER B 264 -9.49 -12.37 13.80
CA SER B 264 -8.61 -13.07 14.72
C SER B 264 -9.37 -13.54 15.96
N ARG B 265 -10.49 -12.87 16.29
CA ARG B 265 -11.21 -13.11 17.52
C ARG B 265 -12.14 -14.33 17.39
N TYR B 266 -12.26 -14.91 16.18
CA TYR B 266 -13.11 -16.06 15.96
C TYR B 266 -12.33 -17.13 15.21
N ASP B 267 -12.78 -18.40 15.32
CA ASP B 267 -12.21 -19.50 14.57
C ASP B 267 -13.00 -19.70 13.28
N ILE B 268 -12.48 -19.17 12.16
CA ILE B 268 -13.20 -19.22 10.91
C ILE B 268 -12.26 -19.56 9.76
N MET B 269 -12.82 -19.54 8.55
CA MET B 269 -12.10 -19.68 7.29
C MET B 269 -12.50 -18.55 6.37
N THR B 270 -11.53 -17.93 5.67
CA THR B 270 -11.85 -16.79 4.83
C THR B 270 -11.18 -16.92 3.45
N VAL B 271 -12.03 -16.79 2.41
CA VAL B 271 -11.61 -16.73 1.02
C VAL B 271 -12.01 -15.35 0.49
N GLY B 272 -11.20 -14.82 -0.44
CA GLY B 272 -11.40 -13.47 -0.96
C GLY B 272 -11.52 -13.47 -2.47
N GLU B 273 -12.47 -12.68 -2.99
CA GLU B 273 -12.65 -12.52 -4.42
C GLU B 273 -11.68 -11.45 -4.91
N THR B 274 -10.46 -11.87 -5.30
CA THR B 274 -9.42 -10.93 -5.71
C THR B 274 -9.22 -11.00 -7.23
N PRO B 275 -9.80 -10.09 -8.04
CA PRO B 275 -9.57 -10.07 -9.48
C PRO B 275 -8.19 -9.54 -9.87
N GLY B 276 -7.56 -10.21 -10.85
CA GLY B 276 -6.31 -9.75 -11.43
C GLY B 276 -5.20 -9.64 -10.40
N VAL B 277 -4.99 -10.71 -9.63
CA VAL B 277 -3.94 -10.80 -8.64
C VAL B 277 -2.86 -11.74 -9.17
N THR B 278 -1.60 -11.31 -9.11
CA THR B 278 -0.47 -12.15 -9.52
C THR B 278 -0.10 -13.05 -8.34
N PRO B 279 0.55 -14.22 -8.57
CA PRO B 279 0.92 -15.12 -7.48
C PRO B 279 1.61 -14.44 -6.30
N GLU B 280 2.29 -13.32 -6.56
CA GLU B 280 3.07 -12.62 -5.56
C GLU B 280 2.18 -11.67 -4.76
N GLN B 281 1.25 -11.00 -5.45
CA GLN B 281 0.29 -10.11 -4.80
C GLN B 281 -0.59 -10.91 -3.86
N ALA B 282 -0.95 -12.14 -4.29
CA ALA B 282 -1.72 -13.06 -3.49
C ALA B 282 -0.97 -13.39 -2.20
N ALA B 283 0.33 -13.71 -2.33
CA ALA B 283 1.14 -14.12 -1.19
C ALA B 283 1.02 -13.14 -0.03
N LEU B 284 0.77 -11.85 -0.33
CA LEU B 284 0.56 -10.86 0.70
C LEU B 284 -0.84 -11.01 1.30
N TYR B 285 -1.78 -11.59 0.54
CA TYR B 285 -3.13 -11.86 1.01
C TYR B 285 -3.22 -13.23 1.65
N VAL B 286 -2.56 -14.23 1.05
CA VAL B 286 -2.72 -15.63 1.41
C VAL B 286 -1.61 -16.06 2.38
N GLY B 287 -0.55 -15.26 2.48
CA GLY B 287 0.63 -15.63 3.25
C GLY B 287 0.25 -16.04 4.68
N GLU B 288 1.03 -16.98 5.22
CA GLU B 288 0.82 -17.49 6.56
C GLU B 288 1.01 -16.38 7.60
N ASP B 289 2.12 -15.64 7.46
CA ASP B 289 2.58 -14.70 8.47
C ASP B 289 1.96 -13.30 8.28
N ARG B 290 1.32 -13.07 7.14
CA ARG B 290 0.75 -11.76 6.82
C ARG B 290 -0.42 -11.43 7.74
N GLY B 291 -1.09 -12.45 8.25
CA GLY B 291 -2.26 -12.27 9.11
C GLY B 291 -3.31 -11.41 8.42
N GLU B 292 -3.75 -11.86 7.25
CA GLU B 292 -4.77 -11.19 6.46
C GLU B 292 -5.89 -12.16 6.11
N LEU B 293 -5.69 -12.92 5.03
CA LEU B 293 -6.71 -13.83 4.51
C LEU B 293 -6.11 -15.22 4.42
N ASN B 294 -6.98 -16.24 4.55
CA ASN B 294 -6.55 -17.63 4.49
C ASN B 294 -6.29 -18.03 3.03
N MET B 295 -7.19 -17.61 2.12
CA MET B 295 -7.04 -17.92 0.70
C MET B 295 -7.79 -16.88 -0.15
N VAL B 296 -7.51 -16.89 -1.46
CA VAL B 296 -8.07 -15.91 -2.39
C VAL B 296 -8.50 -16.61 -3.68
N PHE B 297 -9.37 -15.94 -4.45
CA PHE B 297 -9.82 -16.42 -5.74
C PHE B 297 -9.12 -15.63 -6.84
N GLN B 298 -8.10 -16.26 -7.45
CA GLN B 298 -7.38 -15.70 -8.60
C GLN B 298 -8.23 -15.91 -9.86
N PHE B 299 -8.30 -14.87 -10.71
CA PHE B 299 -9.06 -14.93 -11.95
C PHE B 299 -8.10 -15.13 -13.14
N GLU B 300 -6.88 -15.61 -12.87
CA GLU B 300 -5.85 -15.71 -13.90
C GLU B 300 -6.08 -16.93 -14.79
N HIS B 301 -6.75 -17.95 -14.24
CA HIS B 301 -7.10 -19.15 -14.98
C HIS B 301 -8.51 -19.04 -15.57
N MET B 302 -9.13 -17.86 -15.40
CA MET B 302 -10.42 -17.56 -16.02
C MET B 302 -10.21 -16.69 -17.26
N ASP B 303 -8.94 -16.42 -17.60
CA ASP B 303 -8.59 -15.63 -18.77
C ASP B 303 -7.67 -16.44 -19.68
N ILE B 304 -7.91 -17.76 -19.74
CA ILE B 304 -7.21 -18.64 -20.66
C ILE B 304 -8.00 -18.67 -21.96
N ASP B 305 -9.33 -18.80 -21.82
CA ASP B 305 -10.25 -18.74 -22.95
C ASP B 305 -10.50 -17.28 -23.35
N SER B 306 -10.41 -16.36 -22.37
CA SER B 306 -10.65 -14.95 -22.61
C SER B 306 -9.43 -14.32 -23.30
N GLY B 307 -9.64 -13.17 -23.94
CA GLY B 307 -8.64 -12.52 -24.75
C GLY B 307 -8.37 -11.08 -24.30
N PRO B 308 -7.79 -10.23 -25.18
CA PRO B 308 -7.30 -8.92 -24.77
C PRO B 308 -8.36 -7.82 -24.67
N GLY B 309 -9.48 -7.99 -25.39
CA GLY B 309 -10.53 -6.99 -25.44
C GLY B 309 -11.40 -7.01 -24.19
N GLY B 310 -11.63 -8.22 -23.66
CA GLY B 310 -12.48 -8.42 -22.49
C GLY B 310 -12.73 -9.91 -22.24
N LYS B 311 -13.66 -10.20 -21.33
CA LYS B 311 -14.06 -11.57 -21.05
C LYS B 311 -14.73 -12.16 -22.30
N TRP B 312 -15.44 -11.31 -23.05
CA TRP B 312 -16.25 -11.73 -24.17
C TRP B 312 -15.38 -12.17 -25.35
N ASP B 313 -14.10 -11.77 -25.34
CA ASP B 313 -13.17 -12.14 -26.39
C ASP B 313 -12.75 -13.60 -26.18
N VAL B 314 -13.67 -14.53 -26.51
CA VAL B 314 -13.39 -15.95 -26.42
C VAL B 314 -12.32 -16.28 -27.46
N GLN B 315 -11.23 -16.91 -27.02
CA GLN B 315 -10.12 -17.23 -27.90
C GLN B 315 -9.70 -18.68 -27.67
N PRO B 316 -9.05 -19.34 -28.66
CA PRO B 316 -8.52 -20.67 -28.46
C PRO B 316 -7.46 -20.71 -27.36
N TRP B 317 -7.40 -21.82 -26.61
CA TRP B 317 -6.54 -21.85 -25.44
C TRP B 317 -5.61 -23.07 -25.46
N ARG B 318 -4.36 -22.83 -25.07
CA ARG B 318 -3.31 -23.83 -25.05
C ARG B 318 -3.31 -24.54 -23.70
N LEU B 319 -3.25 -25.88 -23.71
CA LEU B 319 -3.26 -26.66 -22.49
C LEU B 319 -2.00 -26.35 -21.68
N THR B 320 -0.89 -26.07 -22.38
CA THR B 320 0.38 -25.74 -21.75
C THR B 320 0.22 -24.47 -20.90
N ASP B 321 -0.29 -23.41 -21.52
CA ASP B 321 -0.46 -22.12 -20.87
C ASP B 321 -1.46 -22.24 -19.73
N PHE B 322 -2.48 -23.09 -19.90
CA PHE B 322 -3.41 -23.42 -18.83
C PHE B 322 -2.65 -24.10 -17.70
N LYS B 323 -1.92 -25.18 -18.03
CA LYS B 323 -1.13 -25.93 -17.07
C LYS B 323 -0.16 -25.00 -16.34
N ARG B 324 0.42 -24.04 -17.06
CA ARG B 324 1.37 -23.09 -16.48
C ARG B 324 0.70 -22.30 -15.36
N VAL B 325 -0.45 -21.68 -15.64
CA VAL B 325 -1.12 -20.80 -14.69
C VAL B 325 -1.55 -21.62 -13.47
N MET B 326 -1.94 -22.88 -13.71
CA MET B 326 -2.32 -23.77 -12.62
C MET B 326 -1.08 -24.14 -11.80
N GLY B 327 -0.03 -24.58 -12.49
CA GLY B 327 1.22 -24.97 -11.85
C GLY B 327 1.92 -23.79 -11.18
N LYS B 328 2.06 -22.68 -11.93
CA LYS B 328 2.64 -21.45 -11.43
C LYS B 328 2.06 -21.14 -10.05
N TRP B 329 0.74 -21.03 -9.98
CA TRP B 329 0.03 -20.71 -8.75
C TRP B 329 0.26 -21.78 -7.68
N GLN B 330 0.26 -23.06 -8.09
CA GLN B 330 0.45 -24.18 -7.18
C GLN B 330 1.86 -24.16 -6.56
N ARG B 331 2.87 -23.85 -7.39
CA ARG B 331 4.26 -23.84 -6.97
C ARG B 331 4.59 -22.58 -6.17
N GLU B 332 3.97 -21.45 -6.53
CA GLU B 332 4.33 -20.16 -5.98
C GLU B 332 3.87 -20.04 -4.53
N LEU B 333 2.61 -20.38 -4.27
CA LEU B 333 2.01 -20.21 -2.95
C LEU B 333 2.22 -21.45 -2.08
N GLN B 334 2.87 -22.48 -2.63
CA GLN B 334 3.00 -23.77 -1.98
C GLN B 334 3.58 -23.64 -0.58
N ASP B 335 4.78 -23.05 -0.48
CA ASP B 335 5.63 -23.17 0.69
C ASP B 335 4.96 -22.49 1.89
N ARG B 336 4.49 -21.25 1.69
CA ARG B 336 3.65 -20.57 2.67
C ARG B 336 2.50 -19.89 1.93
N GLY B 337 1.28 -20.30 2.28
CA GLY B 337 0.07 -19.91 1.56
C GLY B 337 -0.77 -21.13 1.20
N TRP B 338 -1.97 -20.88 0.68
CA TRP B 338 -2.92 -21.92 0.29
C TRP B 338 -3.67 -21.50 -0.97
N ASN B 339 -3.76 -22.41 -1.95
CA ASN B 339 -4.46 -22.13 -3.20
C ASN B 339 -5.91 -22.60 -3.09
N SER B 340 -6.82 -21.76 -3.60
CA SER B 340 -8.21 -22.16 -3.80
C SER B 340 -8.36 -22.75 -5.21
N LEU B 341 -8.99 -23.92 -5.30
CA LEU B 341 -9.16 -24.63 -6.55
C LEU B 341 -10.60 -24.50 -7.03
N TYR B 342 -10.81 -23.70 -8.09
CA TYR B 342 -12.13 -23.43 -8.62
C TYR B 342 -12.05 -23.21 -10.13
N LEU B 343 -12.94 -23.86 -10.88
CA LEU B 343 -13.01 -23.70 -12.33
C LEU B 343 -14.40 -23.24 -12.78
N ASN B 344 -15.33 -23.06 -11.85
CA ASN B 344 -16.63 -22.46 -12.16
C ASN B 344 -17.29 -21.94 -10.89
N ASN B 345 -17.75 -20.69 -10.95
CA ASN B 345 -18.53 -20.06 -9.90
C ASN B 345 -19.81 -19.52 -10.54
N HIS B 346 -20.61 -18.77 -9.76
CA HIS B 346 -21.86 -18.20 -10.23
C HIS B 346 -21.61 -17.08 -11.25
N ASP B 347 -20.40 -16.50 -11.24
CA ASP B 347 -20.05 -15.45 -12.19
C ASP B 347 -19.41 -16.03 -13.45
N GLN B 348 -19.16 -17.33 -13.49
CA GLN B 348 -18.39 -17.93 -14.58
C GLN B 348 -19.19 -19.06 -15.24
N PRO B 349 -18.96 -19.34 -16.54
CA PRO B 349 -19.61 -20.46 -17.22
C PRO B 349 -19.16 -21.81 -16.71
N ARG B 350 -19.95 -22.85 -17.00
CA ARG B 350 -19.74 -24.17 -16.42
C ARG B 350 -18.63 -24.91 -17.15
N MET B 351 -17.97 -25.84 -16.44
CA MET B 351 -16.66 -26.33 -16.82
C MET B 351 -16.77 -27.51 -17.80
N VAL B 352 -17.73 -28.41 -17.57
CA VAL B 352 -17.88 -29.61 -18.39
C VAL B 352 -18.00 -29.21 -19.86
N SER B 353 -18.57 -28.02 -20.08
CA SER B 353 -18.69 -27.44 -21.42
C SER B 353 -17.44 -26.67 -21.81
N ARG B 354 -16.99 -25.79 -20.91
CA ARG B 354 -15.92 -24.85 -21.17
C ARG B 354 -14.61 -25.56 -21.50
N PHE B 355 -14.12 -26.40 -20.56
CA PHE B 355 -12.84 -27.07 -20.72
C PHE B 355 -13.05 -28.55 -21.03
N GLY B 356 -14.25 -28.89 -21.53
CA GLY B 356 -14.60 -30.27 -21.83
C GLY B 356 -15.63 -30.35 -22.96
N ASP B 357 -16.02 -31.58 -23.30
CA ASP B 357 -17.06 -31.81 -24.30
C ASP B 357 -18.40 -31.96 -23.60
N ASP B 358 -19.26 -30.94 -23.77
CA ASP B 358 -20.61 -30.97 -23.24
C ASP B 358 -21.46 -31.98 -24.01
N LYS B 359 -21.08 -32.24 -25.27
CA LYS B 359 -21.86 -33.06 -26.18
C LYS B 359 -21.27 -34.46 -26.26
N ASN B 360 -19.97 -34.55 -26.58
CA ASN B 360 -19.32 -35.83 -26.87
C ASN B 360 -19.15 -36.63 -25.57
N PHE B 361 -18.36 -36.11 -24.63
CA PHE B 361 -17.99 -36.84 -23.42
C PHE B 361 -18.24 -35.98 -22.19
N ARG B 362 -19.49 -35.54 -22.00
CA ARG B 362 -19.88 -34.79 -20.81
C ARG B 362 -19.37 -35.50 -19.57
N LYS B 363 -19.73 -36.79 -19.41
CA LYS B 363 -19.36 -37.56 -18.24
C LYS B 363 -17.85 -37.52 -18.02
N GLN B 364 -17.08 -37.80 -19.09
CA GLN B 364 -15.64 -37.93 -18.98
C GLN B 364 -14.99 -36.57 -18.75
N SER B 365 -15.44 -35.55 -19.51
CA SER B 365 -14.98 -34.19 -19.34
C SER B 365 -15.21 -33.72 -17.90
N ALA B 366 -16.39 -34.04 -17.36
CA ALA B 366 -16.77 -33.63 -16.00
C ALA B 366 -15.87 -34.27 -14.95
N LYS B 367 -15.53 -35.55 -15.16
CA LYS B 367 -14.87 -36.35 -14.15
C LYS B 367 -13.38 -36.02 -14.07
N MET B 368 -12.74 -35.84 -15.24
CA MET B 368 -11.31 -35.55 -15.30
C MET B 368 -11.05 -34.11 -14.83
N LEU B 369 -12.01 -33.21 -15.05
CA LEU B 369 -11.91 -31.82 -14.64
C LEU B 369 -12.07 -31.71 -13.13
N GLY B 370 -12.86 -32.61 -12.54
CA GLY B 370 -13.04 -32.68 -11.10
C GLY B 370 -11.82 -33.28 -10.41
N THR B 371 -11.28 -34.36 -10.99
CA THR B 371 -10.06 -34.99 -10.49
C THR B 371 -9.00 -33.91 -10.28
N LEU B 372 -8.82 -33.05 -11.28
CA LEU B 372 -7.82 -32.00 -11.24
C LEU B 372 -7.94 -31.21 -9.93
N LEU B 373 -9.11 -30.61 -9.71
CA LEU B 373 -9.34 -29.73 -8.56
C LEU B 373 -9.39 -30.51 -7.25
N HIS B 374 -9.40 -31.85 -7.33
CA HIS B 374 -9.46 -32.67 -6.12
C HIS B 374 -8.13 -33.37 -5.87
N THR B 375 -7.31 -33.56 -6.90
CA THR B 375 -5.98 -34.15 -6.74
C THR B 375 -4.90 -33.08 -6.89
N LEU B 376 -5.31 -31.80 -6.91
CA LEU B 376 -4.38 -30.68 -6.79
C LEU B 376 -4.36 -30.19 -5.34
N GLN B 377 -3.27 -29.50 -4.97
CA GLN B 377 -3.13 -28.96 -3.62
C GLN B 377 -3.94 -27.67 -3.50
N GLY B 378 -4.72 -27.56 -2.42
CA GLY B 378 -5.55 -26.39 -2.16
C GLY B 378 -6.91 -26.79 -1.60
N THR B 379 -7.78 -25.79 -1.38
CA THR B 379 -9.15 -26.02 -0.93
C THR B 379 -10.05 -26.12 -2.16
N PRO B 380 -10.57 -27.33 -2.51
CA PRO B 380 -11.48 -27.47 -3.63
C PRO B 380 -12.84 -26.81 -3.38
N TYR B 381 -13.27 -26.00 -4.35
CA TYR B 381 -14.60 -25.39 -4.35
C TYR B 381 -15.43 -26.05 -5.45
N ILE B 382 -16.64 -26.50 -5.06
CA ILE B 382 -17.60 -27.04 -6.00
C ILE B 382 -18.76 -26.06 -6.09
N TYR B 383 -19.21 -25.80 -7.34
CA TYR B 383 -20.39 -24.98 -7.55
C TYR B 383 -21.58 -25.91 -7.85
N GLN B 384 -22.79 -25.36 -7.67
CA GLN B 384 -24.02 -26.10 -7.87
C GLN B 384 -24.05 -26.74 -9.26
N GLY B 385 -24.24 -28.06 -9.31
CA GLY B 385 -24.47 -28.77 -10.55
C GLY B 385 -23.19 -29.28 -11.20
N GLU B 386 -22.04 -28.88 -10.67
CA GLU B 386 -20.74 -29.41 -11.08
C GLU B 386 -20.74 -30.93 -10.95
N GLU B 387 -21.40 -31.42 -9.90
CA GLU B 387 -21.49 -32.85 -9.59
C GLU B 387 -22.43 -33.57 -10.56
N LEU B 388 -23.31 -32.83 -11.23
CA LEU B 388 -24.25 -33.39 -12.20
C LEU B 388 -23.78 -33.12 -13.63
N GLY B 389 -22.63 -32.45 -13.78
CA GLY B 389 -22.11 -32.10 -15.09
C GLY B 389 -23.10 -31.24 -15.88
N MET B 390 -23.63 -30.20 -15.23
CA MET B 390 -24.53 -29.26 -15.88
C MET B 390 -23.78 -28.47 -16.94
N THR B 391 -24.49 -28.09 -18.02
CA THR B 391 -23.90 -27.46 -19.19
C THR B 391 -24.32 -26.00 -19.25
N ASN B 392 -23.53 -25.20 -19.99
CA ASN B 392 -23.89 -23.82 -20.34
C ASN B 392 -25.19 -23.81 -21.14
N VAL B 393 -26.02 -22.78 -20.90
CA VAL B 393 -27.34 -22.71 -21.49
C VAL B 393 -27.30 -21.83 -22.74
N ARG B 394 -28.11 -22.20 -23.73
CA ARG B 394 -28.24 -21.45 -24.97
C ARG B 394 -29.72 -21.22 -25.25
N PHE B 395 -30.28 -20.18 -24.62
CA PHE B 395 -31.68 -19.81 -24.83
C PHE B 395 -31.83 -19.15 -26.20
N GLY B 396 -33.01 -19.28 -26.80
CA GLY B 396 -33.30 -18.75 -28.12
C GLY B 396 -33.07 -17.24 -28.18
N SER B 397 -33.77 -16.50 -27.31
CA SER B 397 -33.75 -15.04 -27.30
C SER B 397 -32.89 -14.53 -26.15
N ILE B 398 -32.61 -13.22 -26.16
CA ILE B 398 -31.95 -12.56 -25.05
C ILE B 398 -32.95 -12.40 -23.89
N GLU B 399 -34.25 -12.33 -24.23
CA GLU B 399 -35.31 -12.12 -23.25
C GLU B 399 -35.31 -13.23 -22.19
N ASP B 400 -34.83 -14.42 -22.59
CA ASP B 400 -34.73 -15.57 -21.70
C ASP B 400 -33.56 -15.41 -20.72
N TYR B 401 -32.83 -14.29 -20.80
CA TYR B 401 -31.71 -14.02 -19.93
C TYR B 401 -32.05 -12.85 -19.00
N ARG B 402 -31.39 -12.80 -17.84
CA ARG B 402 -31.67 -11.83 -16.80
C ARG B 402 -30.42 -11.54 -15.97
N ASP B 403 -29.43 -10.88 -16.59
CA ASP B 403 -28.23 -10.47 -15.87
C ASP B 403 -27.86 -9.05 -16.30
N ILE B 404 -27.64 -8.18 -15.30
CA ILE B 404 -27.33 -6.77 -15.55
C ILE B 404 -26.16 -6.67 -16.54
N GLU B 405 -25.17 -7.54 -16.43
CA GLU B 405 -24.00 -7.50 -17.31
C GLU B 405 -24.41 -7.92 -18.72
N THR B 406 -25.12 -9.05 -18.82
CA THR B 406 -25.52 -9.62 -20.10
C THR B 406 -26.39 -8.63 -20.87
N LEU B 407 -27.42 -8.08 -20.20
CA LEU B 407 -28.45 -7.30 -20.87
C LEU B 407 -28.02 -5.84 -21.02
N ASN B 408 -26.86 -5.47 -20.49
CA ASN B 408 -26.36 -4.10 -20.63
C ASN B 408 -25.38 -4.02 -21.80
N MET B 409 -24.60 -5.10 -22.00
CA MET B 409 -23.70 -5.19 -23.15
C MET B 409 -24.52 -5.23 -24.43
N TYR B 410 -25.58 -6.05 -24.44
CA TYR B 410 -26.41 -6.22 -25.63
C TYR B 410 -26.92 -4.86 -26.09
N LYS B 411 -27.40 -4.05 -25.13
CA LYS B 411 -27.89 -2.71 -25.42
C LYS B 411 -26.77 -1.83 -25.99
N GLU B 412 -25.59 -1.89 -25.36
CA GLU B 412 -24.45 -1.09 -25.79
C GLU B 412 -23.99 -1.51 -27.19
N ALA B 413 -23.97 -2.83 -27.42
CA ALA B 413 -23.47 -3.41 -28.65
C ALA B 413 -24.34 -3.00 -29.84
N THR B 414 -25.67 -2.89 -29.63
CA THR B 414 -26.59 -2.48 -30.68
C THR B 414 -26.35 -1.02 -31.03
N GLY B 415 -25.89 -0.22 -30.05
CA GLY B 415 -25.52 1.16 -30.28
C GLY B 415 -24.30 1.31 -31.18
N ALA B 416 -23.31 0.42 -30.99
CA ALA B 416 -22.12 0.38 -31.82
C ALA B 416 -22.40 -0.42 -33.10
N GLY B 417 -23.60 -1.02 -33.17
CA GLY B 417 -24.02 -1.78 -34.35
C GLY B 417 -23.34 -3.13 -34.43
N ARG B 418 -23.08 -3.73 -33.26
CA ARG B 418 -22.53 -5.08 -33.19
C ARG B 418 -23.57 -6.08 -33.69
N PRO B 419 -23.18 -7.10 -34.49
CA PRO B 419 -24.12 -8.12 -34.94
C PRO B 419 -24.66 -8.98 -33.80
N ALA B 420 -25.98 -8.93 -33.60
CA ALA B 420 -26.63 -9.62 -32.49
C ALA B 420 -26.19 -11.07 -32.41
N GLU B 421 -25.97 -11.71 -33.58
CA GLU B 421 -25.51 -13.08 -33.64
C GLU B 421 -24.19 -13.24 -32.89
N ALA B 422 -23.26 -12.31 -33.12
CA ALA B 422 -21.96 -12.32 -32.47
C ALA B 422 -22.09 -11.97 -30.99
N VAL B 423 -22.98 -11.03 -30.66
CA VAL B 423 -23.18 -10.57 -29.30
C VAL B 423 -23.69 -11.76 -28.46
N MET B 424 -24.64 -12.52 -29.02
CA MET B 424 -25.24 -13.64 -28.31
C MET B 424 -24.26 -14.80 -28.19
N ALA B 425 -23.40 -14.97 -29.20
CA ALA B 425 -22.36 -15.99 -29.19
C ALA B 425 -21.41 -15.76 -28.02
N SER B 426 -21.22 -14.49 -27.64
CA SER B 426 -20.46 -14.12 -26.46
C SER B 426 -21.25 -14.47 -25.19
N VAL B 427 -22.55 -14.12 -25.19
CA VAL B 427 -23.43 -14.34 -24.05
C VAL B 427 -23.52 -15.84 -23.76
N TYR B 428 -23.52 -16.67 -24.82
CA TYR B 428 -23.75 -18.10 -24.71
C TYR B 428 -22.58 -18.78 -24.01
N SER B 429 -21.37 -18.23 -24.14
CA SER B 429 -20.16 -18.86 -23.64
C SER B 429 -19.69 -18.20 -22.35
N LYS B 430 -19.67 -16.86 -22.32
CA LYS B 430 -19.06 -16.11 -21.23
C LYS B 430 -20.10 -15.50 -20.30
N GLY B 431 -21.39 -15.79 -20.54
CA GLY B 431 -22.46 -15.27 -19.70
C GLY B 431 -22.49 -15.94 -18.33
N ARG B 432 -23.11 -15.26 -17.36
CA ARG B 432 -23.15 -15.72 -15.97
C ARG B 432 -24.40 -16.56 -15.73
N ASP B 433 -25.47 -16.29 -16.50
CA ASP B 433 -26.73 -16.98 -16.37
C ASP B 433 -26.63 -18.44 -16.83
N ASN B 434 -25.48 -18.82 -17.40
CA ASN B 434 -25.23 -20.19 -17.79
C ASN B 434 -25.20 -21.09 -16.55
N ALA B 435 -24.80 -20.50 -15.41
CA ALA B 435 -24.55 -21.25 -14.18
C ALA B 435 -25.66 -21.03 -13.16
N ARG B 436 -26.61 -20.12 -13.47
CA ARG B 436 -27.63 -19.71 -12.51
C ARG B 436 -29.00 -20.25 -12.90
N THR B 437 -29.05 -21.23 -13.80
CA THR B 437 -30.30 -21.87 -14.17
C THR B 437 -30.76 -22.76 -13.01
N PRO B 438 -32.08 -22.92 -12.80
CA PRO B 438 -32.60 -23.81 -11.76
C PRO B 438 -31.91 -25.17 -11.77
N MET B 439 -31.34 -25.55 -10.63
CA MET B 439 -30.60 -26.80 -10.56
C MET B 439 -31.52 -27.96 -10.89
N GLN B 440 -30.96 -28.97 -11.56
CA GLN B 440 -31.72 -30.08 -12.11
C GLN B 440 -31.64 -31.25 -11.13
N TRP B 441 -32.68 -31.40 -10.30
CA TRP B 441 -32.74 -32.43 -9.28
C TRP B 441 -33.34 -33.72 -9.85
N ASP B 442 -34.35 -33.59 -10.71
CA ASP B 442 -35.08 -34.73 -11.24
C ASP B 442 -35.47 -34.47 -12.69
N GLY B 443 -36.53 -35.16 -13.16
CA GLY B 443 -36.99 -35.07 -14.55
C GLY B 443 -38.38 -34.44 -14.68
N SER B 444 -38.98 -34.02 -13.56
CA SER B 444 -40.26 -33.30 -13.58
C SER B 444 -40.03 -31.87 -14.05
N ALA B 445 -41.11 -31.10 -14.20
CA ALA B 445 -41.02 -29.69 -14.58
C ALA B 445 -39.94 -29.00 -13.75
N HIS B 446 -38.96 -28.39 -14.43
CA HIS B 446 -37.96 -27.56 -13.79
C HIS B 446 -37.00 -28.40 -12.94
N GLY B 447 -36.78 -29.65 -13.35
CA GLY B 447 -35.93 -30.58 -12.62
C GLY B 447 -36.23 -30.54 -11.11
N GLY B 448 -37.52 -30.43 -10.77
CA GLY B 448 -37.98 -30.41 -9.39
C GLY B 448 -37.35 -29.28 -8.57
N PHE B 449 -37.34 -28.06 -9.13
CA PHE B 449 -36.81 -26.91 -8.43
C PHE B 449 -37.96 -26.07 -7.89
N THR B 450 -38.82 -25.58 -8.80
CA THR B 450 -39.97 -24.77 -8.41
C THR B 450 -41.24 -25.46 -8.89
N THR B 451 -42.32 -25.35 -8.09
CA THR B 451 -43.60 -25.92 -8.46
C THR B 451 -44.23 -25.04 -9.55
N GLY B 452 -44.04 -23.72 -9.44
CA GLY B 452 -44.55 -22.77 -10.41
C GLY B 452 -43.61 -22.61 -11.60
N THR B 453 -43.26 -21.35 -11.91
CA THR B 453 -42.37 -21.04 -13.03
C THR B 453 -41.08 -20.45 -12.49
N PRO B 454 -39.89 -20.88 -13.00
CA PRO B 454 -38.62 -20.34 -12.52
C PRO B 454 -38.36 -18.92 -12.99
N TRP B 455 -37.63 -18.15 -12.18
CA TRP B 455 -37.24 -16.78 -12.52
C TRP B 455 -36.44 -16.78 -13.82
N ILE B 456 -35.66 -17.85 -14.05
CA ILE B 456 -34.94 -18.06 -15.30
C ILE B 456 -35.28 -19.46 -15.80
N ALA B 457 -35.49 -19.59 -17.12
CA ALA B 457 -35.81 -20.87 -17.73
C ALA B 457 -34.78 -21.92 -17.33
N SER B 458 -35.25 -23.15 -17.07
CA SER B 458 -34.38 -24.25 -16.72
C SER B 458 -33.89 -24.94 -17.99
N ASN B 459 -32.63 -25.36 -17.99
CA ASN B 459 -32.06 -26.09 -19.11
C ASN B 459 -32.86 -27.38 -19.28
N PRO B 460 -33.25 -27.76 -20.52
CA PRO B 460 -34.11 -28.92 -20.75
C PRO B 460 -33.36 -30.25 -20.62
N ASN B 461 -32.15 -30.16 -20.05
CA ASN B 461 -31.25 -31.28 -19.94
C ASN B 461 -31.63 -32.11 -18.73
N TYR B 462 -32.57 -31.61 -17.90
CA TYR B 462 -32.89 -32.22 -16.62
C TYR B 462 -33.47 -33.62 -16.81
N THR B 463 -33.99 -33.91 -18.01
CA THR B 463 -34.41 -35.26 -18.37
C THR B 463 -33.20 -36.15 -18.58
N GLU B 464 -32.00 -35.56 -18.60
CA GLU B 464 -30.75 -36.30 -18.70
C GLU B 464 -29.88 -35.98 -17.48
N ILE B 465 -29.57 -34.69 -17.29
CA ILE B 465 -28.75 -34.20 -16.20
C ILE B 465 -29.65 -33.91 -14.99
N ASN B 466 -29.57 -34.77 -13.96
CA ASN B 466 -30.37 -34.59 -12.76
C ASN B 466 -29.71 -35.28 -11.57
N ALA B 467 -30.21 -34.96 -10.36
CA ALA B 467 -29.65 -35.46 -9.11
C ALA B 467 -30.01 -36.92 -8.89
N GLU B 468 -31.28 -37.28 -9.18
CA GLU B 468 -31.77 -38.64 -8.94
C GLU B 468 -30.92 -39.65 -9.71
N ASP B 469 -30.75 -39.40 -11.03
CA ASP B 469 -29.98 -40.26 -11.91
C ASP B 469 -28.57 -40.46 -11.34
N ALA B 470 -27.95 -39.34 -10.93
CA ALA B 470 -26.63 -39.35 -10.31
C ALA B 470 -26.63 -40.27 -9.08
N ARG B 471 -27.53 -39.98 -8.13
CA ARG B 471 -27.63 -40.72 -6.88
C ARG B 471 -27.98 -42.18 -7.15
N ARG B 472 -28.62 -42.45 -8.29
CA ARG B 472 -28.94 -43.80 -8.73
C ARG B 472 -27.74 -44.43 -9.42
N ASP B 473 -27.33 -43.85 -10.56
CA ASP B 473 -26.25 -44.36 -11.38
C ASP B 473 -24.98 -44.46 -10.53
N PRO B 474 -24.41 -45.67 -10.32
CA PRO B 474 -23.16 -45.81 -9.56
C PRO B 474 -21.94 -45.22 -10.27
N ASP B 475 -21.90 -45.35 -11.60
CA ASP B 475 -20.87 -44.72 -12.42
C ASP B 475 -21.37 -43.34 -12.88
N SER B 476 -21.64 -42.46 -11.90
CA SER B 476 -22.12 -41.11 -12.18
C SER B 476 -21.08 -40.08 -11.74
N ILE B 477 -21.20 -38.87 -12.30
CA ILE B 477 -20.30 -37.78 -11.97
C ILE B 477 -20.38 -37.49 -10.46
N PHE B 478 -21.61 -37.53 -9.93
CA PHE B 478 -21.85 -37.27 -8.51
C PHE B 478 -20.99 -38.18 -7.64
N HIS B 479 -20.95 -39.48 -7.97
CA HIS B 479 -20.28 -40.47 -7.13
C HIS B 479 -18.76 -40.42 -7.31
N TYR B 480 -18.30 -39.89 -8.45
CA TYR B 480 -16.86 -39.73 -8.71
C TYR B 480 -16.33 -38.59 -7.85
N TYR B 481 -17.04 -37.45 -7.83
CA TYR B 481 -16.71 -36.33 -6.96
C TYR B 481 -16.74 -36.79 -5.50
N ARG B 482 -17.78 -37.55 -5.14
CA ARG B 482 -17.91 -38.12 -3.81
C ARG B 482 -16.67 -38.95 -3.48
N ARG B 483 -16.27 -39.80 -4.44
CA ARG B 483 -15.10 -40.67 -4.27
C ARG B 483 -13.83 -39.84 -4.17
N LEU B 484 -13.78 -38.72 -4.93
CA LEU B 484 -12.67 -37.79 -4.87
C LEU B 484 -12.63 -37.13 -3.49
N ILE B 485 -13.81 -36.77 -2.97
CA ILE B 485 -13.92 -36.17 -1.65
C ILE B 485 -13.53 -37.20 -0.59
N ALA B 486 -13.85 -38.47 -0.83
CA ALA B 486 -13.58 -39.54 0.12
C ALA B 486 -12.07 -39.74 0.28
N LEU B 487 -11.40 -40.10 -0.82
CA LEU B 487 -9.97 -40.34 -0.81
C LEU B 487 -9.24 -39.15 -0.21
N ARG B 488 -9.73 -37.94 -0.53
CA ARG B 488 -9.18 -36.70 -0.01
C ARG B 488 -9.07 -36.77 1.51
N LYS B 489 -10.10 -37.33 2.16
CA LYS B 489 -10.12 -37.45 3.61
C LYS B 489 -9.31 -38.65 4.08
N GLN B 490 -8.93 -39.55 3.16
CA GLN B 490 -8.32 -40.83 3.51
C GLN B 490 -6.82 -40.84 3.19
N HIS B 491 -6.33 -39.80 2.50
CA HIS B 491 -4.90 -39.66 2.23
C HIS B 491 -4.49 -38.21 2.45
N ASP B 492 -3.32 -38.01 3.08
CA ASP B 492 -2.83 -36.67 3.41
C ASP B 492 -2.10 -36.06 2.21
N VAL B 493 -1.65 -36.91 1.29
CA VAL B 493 -0.90 -36.50 0.11
C VAL B 493 -1.77 -35.56 -0.74
N ILE B 494 -3.08 -35.87 -0.78
CA ILE B 494 -4.02 -35.15 -1.62
C ILE B 494 -4.18 -33.71 -1.15
N VAL B 495 -4.17 -33.51 0.18
CA VAL B 495 -4.36 -32.19 0.75
C VAL B 495 -3.03 -31.45 0.80
N TYR B 496 -2.04 -32.04 1.50
CA TYR B 496 -0.85 -31.32 1.92
C TYR B 496 0.37 -31.63 1.05
N GLY B 497 0.24 -32.60 0.14
CA GLY B 497 1.38 -33.09 -0.61
C GLY B 497 2.00 -32.03 -1.53
N ARG B 498 3.28 -32.24 -1.85
CA ARG B 498 4.05 -31.37 -2.71
C ARG B 498 3.60 -31.53 -4.17
N TYR B 499 3.71 -30.44 -4.94
CA TYR B 499 3.31 -30.45 -6.35
C TYR B 499 4.57 -30.41 -7.23
N GLU B 500 4.58 -31.29 -8.24
CA GLU B 500 5.61 -31.33 -9.25
C GLU B 500 5.02 -31.93 -10.52
N ALA B 501 5.10 -31.20 -11.64
CA ALA B 501 4.48 -31.59 -12.88
C ALA B 501 5.43 -32.42 -13.74
N LEU B 502 4.84 -33.19 -14.67
CA LEU B 502 5.57 -34.01 -15.62
C LEU B 502 5.01 -33.77 -17.02
N LEU B 503 5.76 -34.17 -18.04
CA LEU B 503 5.35 -33.99 -19.42
C LEU B 503 4.67 -32.63 -19.56
N GLU B 504 5.39 -31.57 -19.20
CA GLU B 504 4.81 -30.23 -19.09
C GLU B 504 4.55 -29.65 -20.48
N GLU B 505 5.43 -29.96 -21.44
CA GLU B 505 5.32 -29.44 -22.79
C GLU B 505 4.13 -30.06 -23.51
N ASP B 506 3.85 -31.34 -23.24
CA ASP B 506 2.73 -32.06 -23.85
C ASP B 506 1.46 -31.22 -23.75
N GLU B 507 0.79 -31.03 -24.90
CA GLU B 507 -0.38 -30.17 -24.98
C GLU B 507 -1.68 -30.96 -24.89
N ARG B 508 -1.59 -32.29 -24.70
CA ARG B 508 -2.78 -33.13 -24.65
C ARG B 508 -2.92 -33.76 -23.26
N ILE B 509 -1.80 -34.17 -22.64
CA ILE B 509 -1.81 -34.83 -21.35
C ILE B 509 -1.37 -33.85 -20.27
N TYR B 510 -2.25 -33.61 -19.27
CA TYR B 510 -1.90 -32.84 -18.08
C TYR B 510 -1.55 -33.83 -16.96
N ALA B 511 -0.24 -34.07 -16.79
CA ALA B 511 0.25 -34.97 -15.75
C ALA B 511 1.01 -34.17 -14.69
N TYR B 512 0.80 -34.56 -13.42
CA TYR B 512 1.56 -34.03 -12.29
C TYR B 512 1.68 -35.10 -11.22
N THR B 513 2.55 -34.85 -10.23
CA THR B 513 2.71 -35.74 -9.09
C THR B 513 2.50 -34.95 -7.81
N ARG B 514 1.74 -35.56 -6.89
CA ARG B 514 1.61 -35.09 -5.52
C ARG B 514 2.37 -36.06 -4.61
N MET B 515 3.38 -35.54 -3.89
CA MET B 515 4.17 -36.33 -2.97
C MET B 515 4.13 -35.69 -1.58
N LEU B 516 4.06 -36.53 -0.54
CA LEU B 516 4.13 -36.09 0.84
C LEU B 516 4.86 -37.15 1.66
N ASP B 517 5.91 -36.73 2.39
CA ASP B 517 6.76 -37.65 3.12
C ASP B 517 7.35 -38.67 2.15
N GLY B 518 6.88 -39.93 2.24
CA GLY B 518 7.29 -40.98 1.32
C GLY B 518 6.21 -41.26 0.27
N GLU B 519 4.99 -40.75 0.49
CA GLU B 519 3.84 -41.06 -0.34
C GLU B 519 3.89 -40.23 -1.63
N ARG B 520 3.57 -40.88 -2.77
CA ARG B 520 3.54 -40.23 -4.07
C ARG B 520 2.17 -40.46 -4.72
N LEU B 521 1.82 -39.59 -5.67
CA LEU B 521 0.60 -39.72 -6.45
C LEU B 521 0.88 -39.23 -7.87
N LEU B 522 0.51 -40.04 -8.87
CA LEU B 522 0.67 -39.68 -10.27
C LEU B 522 -0.70 -39.41 -10.87
N VAL B 523 -0.96 -38.14 -11.21
CA VAL B 523 -2.25 -37.72 -11.76
C VAL B 523 -2.07 -37.43 -13.25
N VAL B 524 -2.39 -38.44 -14.09
CA VAL B 524 -2.31 -38.30 -15.54
C VAL B 524 -3.71 -37.99 -16.08
N LEU B 525 -3.82 -36.94 -16.89
CA LEU B 525 -5.12 -36.46 -17.38
C LEU B 525 -5.02 -36.18 -18.89
N ASN B 526 -6.12 -36.42 -19.61
CA ASN B 526 -6.21 -36.14 -21.04
C ASN B 526 -7.31 -35.10 -21.27
N PHE B 527 -6.89 -33.88 -21.66
CA PHE B 527 -7.79 -32.74 -21.72
C PHE B 527 -8.51 -32.67 -23.07
N PHE B 528 -8.43 -33.74 -23.87
CA PHE B 528 -9.07 -33.76 -25.19
C PHE B 528 -9.54 -35.17 -25.49
N GLY B 529 -10.39 -35.28 -26.53
CA GLY B 529 -10.98 -36.55 -26.93
C GLY B 529 -10.17 -37.23 -28.02
N GLU B 530 -9.24 -38.10 -27.60
CA GLU B 530 -8.42 -38.88 -28.52
C GLU B 530 -7.65 -39.94 -27.72
N ASP B 533 -1.05 -40.84 -26.12
CA ASP B 533 0.14 -41.67 -25.80
C ASP B 533 0.60 -41.34 -24.37
N CYS B 534 0.46 -42.32 -23.46
CA CYS B 534 0.95 -42.17 -22.10
C CYS B 534 2.42 -42.61 -22.03
N SER B 535 3.28 -41.87 -22.73
CA SER B 535 4.71 -42.14 -22.71
C SER B 535 5.30 -41.58 -21.42
N LEU B 536 5.25 -42.38 -20.35
CA LEU B 536 5.64 -41.93 -19.03
C LEU B 536 7.15 -41.80 -18.97
N PRO B 537 7.69 -40.82 -18.18
CA PRO B 537 9.13 -40.68 -18.03
C PRO B 537 9.71 -41.67 -17.02
N GLU B 538 11.05 -41.81 -17.03
CA GLU B 538 11.71 -42.72 -16.11
C GLU B 538 11.97 -42.03 -14.78
N LYS B 539 12.19 -40.70 -14.81
CA LYS B 539 12.28 -39.93 -13.59
C LYS B 539 11.20 -40.42 -12.62
N ILE B 540 10.00 -40.69 -13.17
CA ILE B 540 8.89 -41.25 -12.42
C ILE B 540 8.95 -42.76 -12.51
N ARG B 541 9.94 -43.34 -11.81
CA ARG B 541 10.04 -44.79 -11.65
C ARG B 541 8.97 -45.23 -10.64
N PHE B 542 8.31 -46.35 -10.95
CA PHE B 542 7.35 -46.95 -10.05
C PHE B 542 7.55 -48.46 -10.04
N GLU B 543 7.45 -49.06 -8.85
CA GLU B 543 7.45 -50.51 -8.72
C GLU B 543 6.20 -50.94 -7.95
N SER B 544 5.15 -50.12 -8.03
CA SER B 544 3.86 -50.41 -7.41
C SER B 544 2.77 -49.53 -8.00
N ALA B 545 2.02 -50.07 -8.96
CA ALA B 545 0.86 -49.40 -9.53
C ALA B 545 -0.34 -49.63 -8.62
N GLU B 546 -1.03 -48.54 -8.27
CA GLU B 546 -2.12 -48.56 -7.30
C GLU B 546 -3.16 -47.53 -7.69
N PRO B 547 -4.02 -47.79 -8.70
CA PRO B 547 -4.97 -46.80 -9.19
C PRO B 547 -6.08 -46.50 -8.20
N LEU B 548 -5.85 -45.49 -7.36
CA LEU B 548 -6.82 -45.06 -6.36
C LEU B 548 -8.18 -44.81 -7.01
N ILE B 549 -8.19 -44.08 -8.14
CA ILE B 549 -9.43 -43.79 -8.85
C ILE B 549 -9.13 -43.71 -10.34
N GLY B 550 -10.18 -43.81 -11.17
CA GLY B 550 -10.06 -43.70 -12.61
C GLY B 550 -11.40 -43.39 -13.27
N ASN B 551 -11.35 -42.55 -14.32
CA ASN B 551 -12.52 -42.17 -15.09
C ASN B 551 -13.18 -43.43 -15.64
N TYR B 552 -12.38 -44.26 -16.31
CA TYR B 552 -12.83 -45.55 -16.84
C TYR B 552 -12.34 -46.65 -15.92
N GLY B 553 -13.28 -47.48 -15.44
CA GLY B 553 -12.95 -48.58 -14.54
C GLY B 553 -12.28 -49.72 -15.28
N SER B 562 2.78 -49.97 -17.57
CA SER B 562 1.92 -49.98 -18.78
C SER B 562 1.66 -48.54 -19.24
N LEU B 563 1.15 -48.40 -20.48
CA LEU B 563 0.86 -47.10 -21.06
C LEU B 563 -0.28 -47.24 -22.07
N LYS B 564 -1.24 -46.32 -22.01
CA LYS B 564 -2.38 -46.31 -22.93
C LYS B 564 -2.88 -44.87 -23.11
N LEU B 565 -4.12 -44.73 -23.59
CA LEU B 565 -4.80 -43.45 -23.64
C LEU B 565 -6.31 -43.69 -23.73
N ARG B 566 -7.11 -42.67 -23.36
CA ARG B 566 -8.55 -42.73 -23.53
C ARG B 566 -9.11 -41.31 -23.61
N PRO B 567 -10.30 -41.10 -24.24
CA PRO B 567 -10.93 -39.79 -24.32
C PRO B 567 -11.27 -39.20 -22.95
N TYR B 568 -10.90 -37.92 -22.76
CA TYR B 568 -11.14 -37.20 -21.52
C TYR B 568 -10.98 -38.12 -20.31
N GLU B 569 -9.89 -38.91 -20.29
CA GLU B 569 -9.63 -39.85 -19.21
C GLU B 569 -8.76 -39.16 -18.14
N ALA B 570 -8.88 -39.66 -16.92
CA ALA B 570 -8.11 -39.16 -15.78
C ALA B 570 -7.87 -40.28 -14.78
N LEU B 571 -6.60 -40.55 -14.45
CA LEU B 571 -6.23 -41.59 -13.52
C LEU B 571 -5.25 -41.04 -12.49
N VAL B 572 -5.51 -41.35 -11.21
CA VAL B 572 -4.60 -41.00 -10.14
C VAL B 572 -3.97 -42.30 -9.62
N LEU B 573 -2.79 -42.61 -10.16
CA LEU B 573 -2.03 -43.79 -9.77
C LEU B 573 -1.17 -43.43 -8.56
N ARG B 574 -1.27 -44.23 -7.49
CA ARG B 574 -0.47 -44.02 -6.28
C ARG B 574 0.81 -44.85 -6.37
N LEU B 575 1.89 -44.19 -6.80
CA LEU B 575 3.18 -44.84 -7.00
C LEU B 575 3.70 -45.36 -5.67
N GLN B 576 3.55 -44.55 -4.62
CA GLN B 576 3.87 -44.95 -3.25
C GLN B 576 5.40 -45.10 -3.10
#